data_1MG7
#
_entry.id   1MG7
#
_cell.length_a   116.071
_cell.length_b   86.023
_cell.length_c   80.240
_cell.angle_alpha   90.00
_cell.angle_beta   90.00
_cell.angle_gamma   90.00
#
_symmetry.space_group_name_H-M   'P 21 21 2'
#
loop_
_entity.id
_entity.type
_entity.pdbx_description
1 polymer 'early switch protein xol-1 2.2k splice form'
2 water water
#
_entity_poly.entity_id   1
_entity_poly.type   'polypeptide(L)'
_entity_poly.pdbx_seq_one_letter_code
;MQVEANSERRVKILGIDRSENSPVLTYMETEDDPNFRNSKLAAAPHTVHMMDSGFLAINRQCLVKGKAILAREPKSSNEH
MIDDLPKHAHDQHTLSILRDFIDQLKLHNVYEINFYDPLDSSGKLAVIPMLIALWKCMLASETDICDQEVLKSIMNSVIA
KFELQIPCKNAVIDATLSGSREEVHIIAEDGSLENSNGTTEHFNKKHDLVFVKTDLHPEDFTPQMFPSQAKAKLLRDAFN
NEEDEDTFPDILVPAYMTAHSKNRVRQEDYTCLEVEFDSQVALEKLMNEHEQVEGFEVQQGGILVALKKDSFFDDELIEK
IAIAIATESRQSVSSVSFDLLKLGPGASLVTLANSRRFEPECRVVLQIEVKPVSPGETSSEGISDEHHYEEYDEDDIMEE
EEAPSARQDDTYDEDEE
;
_entity_poly.pdbx_strand_id   A,B
#
# COMPACT_ATOMS: atom_id res chain seq x y z
N GLU A 8 -1.64 -3.42 -2.59
CA GLU A 8 -2.75 -3.50 -1.60
C GLU A 8 -2.52 -2.49 -0.47
N ARG A 9 -3.36 -2.57 0.57
CA ARG A 9 -3.26 -1.66 1.70
C ARG A 9 -3.35 -2.38 3.02
N ARG A 10 -2.71 -1.81 4.04
CA ARG A 10 -2.72 -2.37 5.37
C ARG A 10 -3.43 -1.40 6.32
N VAL A 11 -4.44 -1.91 7.04
CA VAL A 11 -5.18 -1.09 7.99
C VAL A 11 -4.69 -1.43 9.39
N LYS A 12 -4.27 -0.42 10.13
CA LYS A 12 -3.77 -0.65 11.48
C LYS A 12 -4.41 0.29 12.47
N ILE A 13 -4.85 -0.24 13.61
CA ILE A 13 -5.46 0.57 14.64
C ILE A 13 -4.34 1.10 15.54
N LEU A 14 -4.22 2.42 15.62
CA LEU A 14 -3.17 3.06 16.40
C LEU A 14 -3.65 3.59 17.74
N GLY A 15 -4.94 3.44 18.01
CA GLY A 15 -5.47 3.92 19.26
C GLY A 15 -6.97 3.77 19.38
N ILE A 16 -7.42 3.54 20.60
CA ILE A 16 -8.85 3.40 20.89
C ILE A 16 -9.05 4.26 22.13
N ASP A 17 -9.69 5.40 21.94
CA ASP A 17 -9.90 6.32 23.04
C ASP A 17 -11.37 6.58 23.32
N ARG A 18 -11.84 6.07 24.45
CA ARG A 18 -13.21 6.27 24.87
C ARG A 18 -13.28 7.42 25.86
N SER A 19 -14.43 8.11 25.86
CA SER A 19 -14.62 9.21 26.78
C SER A 19 -16.09 9.35 27.13
N GLU A 20 -16.33 9.93 28.29
CA GLU A 20 -17.68 10.21 28.77
C GLU A 20 -17.51 11.51 29.52
N ASN A 21 -18.30 12.52 29.15
CA ASN A 21 -18.20 13.81 29.82
C ASN A 21 -19.58 14.42 30.06
N SER A 22 -19.65 15.29 31.06
CA SER A 22 -20.89 15.98 31.42
C SER A 22 -20.58 17.47 31.33
N PRO A 23 -20.52 18.01 30.11
CA PRO A 23 -20.22 19.42 29.82
C PRO A 23 -21.00 20.49 30.58
N VAL A 24 -22.28 20.26 30.83
CA VAL A 24 -23.08 21.25 31.52
C VAL A 24 -22.56 21.57 32.92
N LEU A 25 -22.02 20.58 33.60
CA LEU A 25 -21.48 20.77 34.96
C LEU A 25 -20.33 21.77 34.98
N THR A 26 -19.59 21.83 33.89
CA THR A 26 -18.44 22.73 33.79
C THR A 26 -18.82 24.20 33.93
N TYR A 27 -20.04 24.55 33.50
CA TYR A 27 -20.48 25.93 33.58
C TYR A 27 -21.48 26.16 34.71
N MET A 28 -21.48 25.26 35.69
CA MET A 28 -22.37 25.36 36.84
C MET A 28 -21.61 25.85 38.06
N SER A 39 -25.56 35.75 36.46
CA SER A 39 -25.74 35.48 35.03
C SER A 39 -26.69 34.30 34.82
N LYS A 40 -27.04 34.04 33.56
CA LYS A 40 -27.94 32.94 33.23
C LYS A 40 -27.30 32.02 32.21
N LEU A 41 -27.59 30.73 32.32
CA LEU A 41 -27.05 29.72 31.41
C LEU A 41 -28.22 28.94 30.83
N ALA A 42 -28.27 28.84 29.50
CA ALA A 42 -29.35 28.12 28.86
C ALA A 42 -28.78 27.11 27.87
N ALA A 43 -29.57 26.08 27.58
CA ALA A 43 -29.14 25.03 26.67
C ALA A 43 -30.19 24.76 25.61
N ALA A 44 -29.73 24.39 24.42
CA ALA A 44 -30.62 24.03 23.32
C ALA A 44 -29.97 22.81 22.69
N PRO A 45 -30.73 21.72 22.53
CA PRO A 45 -30.17 20.50 21.94
C PRO A 45 -29.88 20.56 20.46
N HIS A 46 -28.86 19.79 20.07
CA HIS A 46 -28.49 19.64 18.68
C HIS A 46 -29.41 18.54 18.19
N THR A 47 -29.48 18.35 16.87
CA THR A 47 -30.32 17.31 16.31
C THR A 47 -29.61 16.51 15.24
N VAL A 48 -30.19 15.37 14.92
CA VAL A 48 -29.72 14.54 13.81
C VAL A 48 -31.01 14.24 13.07
N HIS A 49 -30.91 13.83 11.81
CA HIS A 49 -32.09 13.55 11.02
C HIS A 49 -32.06 12.16 10.42
N MET A 50 -33.25 11.63 10.15
CA MET A 50 -33.41 10.32 9.55
C MET A 50 -34.32 10.44 8.34
N MET A 51 -33.97 9.73 7.27
CA MET A 51 -34.74 9.73 6.04
C MET A 51 -35.07 11.13 5.53
N ASP A 52 -34.19 12.07 5.85
CA ASP A 52 -34.32 13.48 5.45
C ASP A 52 -35.66 14.11 5.82
N SER A 53 -36.44 13.42 6.66
CA SER A 53 -37.77 13.92 6.99
C SER A 53 -38.15 13.94 8.47
N GLY A 54 -37.27 13.44 9.33
CA GLY A 54 -37.57 13.43 10.75
C GLY A 54 -36.36 13.88 11.53
N PHE A 55 -36.59 14.57 12.64
CA PHE A 55 -35.48 15.08 13.44
C PHE A 55 -35.55 14.70 14.90
N LEU A 56 -34.41 14.28 15.43
CA LEU A 56 -34.30 13.88 16.82
C LEU A 56 -33.36 14.80 17.59
N ALA A 57 -33.84 15.35 18.69
CA ALA A 57 -33.01 16.19 19.54
C ALA A 57 -32.19 15.17 20.32
N ILE A 58 -30.87 15.40 20.41
CA ILE A 58 -29.98 14.47 21.07
C ILE A 58 -29.29 15.05 22.30
N ASN A 59 -28.53 14.21 23.01
CA ASN A 59 -27.83 14.66 24.21
C ASN A 59 -26.48 15.35 23.96
N ARG A 60 -26.54 16.36 23.10
CA ARG A 60 -25.40 17.22 22.77
C ARG A 60 -26.15 18.53 22.71
N GLN A 61 -25.58 19.61 23.26
CA GLN A 61 -26.30 20.87 23.24
C GLN A 61 -25.43 22.11 23.19
N CYS A 62 -26.00 23.17 22.63
CA CYS A 62 -25.31 24.45 22.59
C CYS A 62 -25.66 25.10 23.92
N LEU A 63 -24.66 25.70 24.56
CA LEU A 63 -24.90 26.36 25.83
C LEU A 63 -24.59 27.83 25.65
N VAL A 64 -25.42 28.68 26.24
CA VAL A 64 -25.21 30.11 26.15
C VAL A 64 -25.25 30.71 27.54
N LYS A 65 -24.21 31.43 27.89
CA LYS A 65 -24.13 32.09 29.17
C LYS A 65 -24.23 33.58 28.92
N GLY A 66 -25.10 34.27 29.65
CA GLY A 66 -25.27 35.70 29.44
C GLY A 66 -25.32 36.47 30.74
N LYS A 67 -24.64 37.61 30.75
CA LYS A 67 -24.63 38.47 31.93
C LYS A 67 -24.76 39.91 31.48
N ALA A 68 -25.62 40.68 32.14
CA ALA A 68 -25.80 42.07 31.78
C ALA A 68 -24.60 42.83 32.32
N ILE A 69 -23.97 43.64 31.47
CA ILE A 69 -22.81 44.42 31.90
C ILE A 69 -23.16 45.90 32.06
N LEU A 70 -24.26 46.32 31.46
CA LEU A 70 -24.74 47.70 31.57
C LEU A 70 -26.26 47.71 31.58
N ALA A 71 -26.84 48.37 32.59
CA ALA A 71 -28.29 48.46 32.71
C ALA A 71 -28.87 49.61 31.91
N ARG A 72 -28.62 49.60 30.60
CA ARG A 72 -29.16 50.64 29.75
C ARG A 72 -29.41 50.10 28.36
N GLU A 73 -30.28 50.79 27.63
CA GLU A 73 -30.63 50.44 26.26
C GLU A 73 -29.37 50.35 25.39
N PRO A 74 -29.18 49.25 24.66
CA PRO A 74 -27.99 49.15 23.82
C PRO A 74 -28.02 50.18 22.70
N LYS A 75 -26.86 50.74 22.37
CA LYS A 75 -26.76 51.72 21.30
C LYS A 75 -27.05 51.05 19.95
N SER A 76 -26.75 49.76 19.88
CA SER A 76 -26.97 48.95 18.69
C SER A 76 -26.62 47.52 19.11
N SER A 77 -26.94 46.55 18.27
CA SER A 77 -26.62 45.16 18.58
C SER A 77 -25.12 44.90 18.61
N ASN A 78 -24.33 45.83 18.07
CA ASN A 78 -22.87 45.66 18.07
C ASN A 78 -22.26 45.96 19.42
N GLU A 79 -23.03 46.50 20.34
CA GLU A 79 -22.49 46.84 21.65
C GLU A 79 -22.23 45.65 22.57
N HIS A 80 -23.04 44.60 22.43
CA HIS A 80 -22.89 43.43 23.26
C HIS A 80 -21.55 42.76 23.03
N MET A 81 -20.96 42.24 24.09
CA MET A 81 -19.69 41.55 23.98
C MET A 81 -19.97 40.07 23.73
N ILE A 82 -19.59 39.59 22.56
CA ILE A 82 -19.78 38.19 22.22
C ILE A 82 -18.39 37.58 22.30
N ASP A 83 -18.14 36.86 23.38
CA ASP A 83 -16.84 36.24 23.60
C ASP A 83 -16.41 35.34 22.46
N ASP A 84 -15.13 35.00 22.46
CA ASP A 84 -14.55 34.15 21.43
C ASP A 84 -15.44 32.97 21.07
N LEU A 85 -16.20 33.11 20.00
CA LEU A 85 -17.07 32.03 19.54
C LEU A 85 -16.15 30.90 19.12
N PRO A 86 -16.55 29.65 19.37
CA PRO A 86 -15.71 28.52 18.97
C PRO A 86 -15.30 28.69 17.52
N LYS A 87 -14.02 28.44 17.25
CA LYS A 87 -13.48 28.58 15.90
C LYS A 87 -14.17 27.66 14.89
N HIS A 88 -14.61 28.22 13.77
CA HIS A 88 -15.26 27.45 12.71
C HIS A 88 -15.26 28.25 11.41
N ALA A 89 -15.54 27.56 10.30
CA ALA A 89 -15.56 28.21 9.00
C ALA A 89 -16.53 29.38 8.91
N HIS A 90 -16.04 30.48 8.33
CA HIS A 90 -16.83 31.69 8.17
C HIS A 90 -17.49 32.15 9.46
N ASP A 91 -16.73 32.13 10.55
CA ASP A 91 -17.27 32.54 11.84
C ASP A 91 -17.66 34.02 11.91
N GLN A 92 -17.18 34.83 10.97
CA GLN A 92 -17.56 36.25 10.99
C GLN A 92 -19.02 36.34 10.53
N HIS A 93 -19.39 35.44 9.64
CA HIS A 93 -20.75 35.41 9.11
C HIS A 93 -21.68 35.02 10.26
N THR A 94 -21.21 34.08 11.08
CA THR A 94 -21.99 33.63 12.23
C THR A 94 -22.23 34.82 13.14
N LEU A 95 -21.21 35.65 13.31
CA LEU A 95 -21.33 36.83 14.16
C LEU A 95 -22.41 37.76 13.60
N SER A 96 -22.42 37.93 12.28
CA SER A 96 -23.42 38.79 11.65
C SER A 96 -24.84 38.28 11.93
N ILE A 97 -25.01 36.97 11.88
CA ILE A 97 -26.31 36.36 12.13
C ILE A 97 -26.73 36.64 13.58
N LEU A 98 -25.81 36.47 14.51
CA LEU A 98 -26.11 36.72 15.91
C LEU A 98 -26.50 38.18 16.14
N ARG A 99 -25.76 39.11 15.53
CA ARG A 99 -26.05 40.52 15.70
C ARG A 99 -27.47 40.84 15.21
N ASP A 100 -27.86 40.24 14.10
CA ASP A 100 -29.21 40.49 13.56
C ASP A 100 -30.29 39.91 14.45
N PHE A 101 -30.07 38.68 14.92
CA PHE A 101 -31.03 38.03 15.80
C PHE A 101 -31.19 38.86 17.07
N ILE A 102 -30.08 39.28 17.66
CA ILE A 102 -30.11 40.08 18.87
C ILE A 102 -30.88 41.38 18.64
N ASP A 103 -30.67 41.99 17.49
CA ASP A 103 -31.36 43.24 17.15
C ASP A 103 -32.87 43.02 17.18
N GLN A 104 -33.31 41.87 16.68
CA GLN A 104 -34.73 41.57 16.65
C GLN A 104 -35.32 41.22 18.03
N LEU A 105 -34.47 40.86 18.99
CA LEU A 105 -34.95 40.54 20.33
C LEU A 105 -35.28 41.81 21.12
N LYS A 106 -34.82 42.95 20.61
CA LYS A 106 -35.08 44.25 21.24
C LYS A 106 -34.72 44.25 22.73
N LEU A 107 -33.46 43.97 23.02
CA LEU A 107 -32.97 43.93 24.40
C LEU A 107 -32.90 45.31 25.02
N HIS A 108 -33.03 45.37 26.34
CA HIS A 108 -32.98 46.65 27.04
C HIS A 108 -31.78 46.79 27.97
N ASN A 109 -30.82 45.90 27.81
CA ASN A 109 -29.59 45.92 28.60
C ASN A 109 -28.45 45.50 27.66
N VAL A 110 -27.22 45.80 28.05
CA VAL A 110 -26.05 45.43 27.26
C VAL A 110 -25.49 44.18 27.94
N TYR A 111 -25.22 43.15 27.16
CA TYR A 111 -24.72 41.88 27.70
C TYR A 111 -23.36 41.43 27.23
N GLU A 112 -22.79 40.49 27.99
CA GLU A 112 -21.56 39.83 27.64
C GLU A 112 -22.13 38.42 27.44
N ILE A 113 -21.94 37.87 26.26
CA ILE A 113 -22.49 36.57 25.92
C ILE A 113 -21.42 35.56 25.51
N ASN A 114 -21.52 34.35 26.04
CA ASN A 114 -20.56 33.30 25.72
C ASN A 114 -21.29 32.09 25.14
N PHE A 115 -20.77 31.55 24.06
CA PHE A 115 -21.36 30.36 23.43
C PHE A 115 -20.44 29.17 23.63
N TYR A 116 -21.03 28.02 23.94
CA TYR A 116 -20.27 26.80 24.14
C TYR A 116 -20.90 25.65 23.34
N ASP A 117 -20.05 24.84 22.74
CA ASP A 117 -20.48 23.68 21.94
C ASP A 117 -21.55 23.97 20.88
N PRO A 118 -21.30 24.92 19.99
CA PRO A 118 -22.27 25.26 18.94
C PRO A 118 -22.19 24.38 17.69
N LEU A 119 -21.23 23.46 17.66
CA LEU A 119 -21.07 22.60 16.50
C LEU A 119 -21.85 21.30 16.64
N ASP A 120 -22.49 20.86 15.56
CA ASP A 120 -23.29 19.63 15.61
C ASP A 120 -22.43 18.38 15.42
N SER A 121 -23.09 17.24 15.28
CA SER A 121 -22.42 15.96 15.13
C SER A 121 -21.47 15.91 13.94
N SER A 122 -21.80 16.67 12.90
CA SER A 122 -20.97 16.71 11.69
C SER A 122 -19.83 17.70 11.85
N GLY A 123 -19.87 18.51 12.91
CA GLY A 123 -18.83 19.50 13.14
C GLY A 123 -19.22 20.82 12.52
N LYS A 124 -20.45 20.88 12.01
CA LYS A 124 -20.98 22.06 11.36
C LYS A 124 -21.70 22.97 12.34
N LEU A 125 -21.56 24.27 12.15
CA LEU A 125 -22.20 25.25 13.02
C LEU A 125 -23.72 25.09 12.89
N ALA A 126 -24.40 24.95 14.03
CA ALA A 126 -25.85 24.79 14.03
C ALA A 126 -26.46 26.08 14.53
N VAL A 127 -26.97 26.88 13.59
CA VAL A 127 -27.55 28.18 13.91
C VAL A 127 -28.81 28.11 14.78
N ILE A 128 -29.71 27.19 14.48
CA ILE A 128 -30.95 27.11 15.24
C ILE A 128 -30.77 26.93 16.75
N PRO A 129 -29.96 25.95 17.19
CA PRO A 129 -29.77 25.77 18.64
C PRO A 129 -29.07 26.97 19.27
N MET A 130 -28.17 27.61 18.52
CA MET A 130 -27.46 28.78 19.04
C MET A 130 -28.44 29.89 19.34
N LEU A 131 -29.32 30.18 18.38
CA LEU A 131 -30.29 31.26 18.56
C LEU A 131 -31.34 30.95 19.63
N ILE A 132 -31.79 29.70 19.69
CA ILE A 132 -32.80 29.34 20.69
C ILE A 132 -32.20 29.35 22.10
N ALA A 133 -30.96 28.89 22.24
CA ALA A 133 -30.33 28.90 23.56
C ALA A 133 -30.16 30.36 24.02
N LEU A 134 -29.79 31.24 23.10
CA LEU A 134 -29.62 32.66 23.41
C LEU A 134 -30.96 33.26 23.83
N TRP A 135 -32.01 32.92 23.11
CA TRP A 135 -33.35 33.41 23.44
C TRP A 135 -33.75 32.94 24.84
N LYS A 136 -33.50 31.67 25.15
CA LYS A 136 -33.85 31.14 26.47
C LYS A 136 -33.06 31.89 27.54
N CYS A 137 -31.81 32.21 27.23
CA CYS A 137 -30.95 32.92 28.16
C CYS A 137 -31.53 34.31 28.45
N MET A 138 -31.91 35.02 27.39
CA MET A 138 -32.48 36.36 27.54
C MET A 138 -33.85 36.34 28.21
N LEU A 139 -34.65 35.32 27.90
CA LEU A 139 -35.98 35.17 28.47
C LEU A 139 -35.91 35.10 30.00
N ALA A 140 -34.82 34.56 30.52
CA ALA A 140 -34.64 34.45 31.95
C ALA A 140 -33.84 35.61 32.53
N SER A 141 -33.43 36.55 31.67
CA SER A 141 -32.62 37.69 32.11
C SER A 141 -33.36 39.00 32.23
N GLU A 142 -34.28 39.28 31.33
CA GLU A 142 -35.03 40.52 31.38
C GLU A 142 -36.49 40.36 30.99
N THR A 143 -37.30 41.30 31.46
CA THR A 143 -38.72 41.28 31.19
C THR A 143 -39.03 41.75 29.77
N ASP A 144 -40.15 41.26 29.22
CA ASP A 144 -40.61 41.64 27.88
C ASP A 144 -40.02 40.88 26.69
N ILE A 145 -39.23 39.84 26.95
CA ILE A 145 -38.67 39.07 25.84
C ILE A 145 -39.81 38.33 25.14
N CYS A 146 -39.76 38.29 23.81
CA CYS A 146 -40.80 37.66 23.01
C CYS A 146 -41.09 36.20 23.36
N ASP A 147 -42.31 35.75 23.04
CA ASP A 147 -42.71 34.38 23.30
C ASP A 147 -42.29 33.48 22.15
N GLN A 148 -42.61 32.19 22.29
CA GLN A 148 -42.25 31.18 21.28
C GLN A 148 -42.76 31.47 19.87
N GLU A 149 -43.99 31.97 19.76
CA GLU A 149 -44.56 32.27 18.45
C GLU A 149 -43.77 33.36 17.73
N VAL A 150 -43.47 34.42 18.45
CA VAL A 150 -42.71 35.52 17.88
C VAL A 150 -41.29 35.08 17.58
N LEU A 151 -40.74 34.21 18.43
CA LEU A 151 -39.38 33.71 18.23
C LEU A 151 -39.27 33.03 16.86
N LYS A 152 -40.25 32.19 16.55
CA LYS A 152 -40.25 31.48 15.27
C LYS A 152 -40.29 32.45 14.10
N SER A 153 -41.03 33.55 14.26
CA SER A 153 -41.12 34.55 13.21
C SER A 153 -39.76 35.22 13.00
N ILE A 154 -39.10 35.55 14.11
CA ILE A 154 -37.79 36.18 14.04
C ILE A 154 -36.78 35.24 13.40
N MET A 155 -36.81 33.98 13.80
CA MET A 155 -35.89 33.00 13.24
C MET A 155 -36.11 32.83 11.74
N ASN A 156 -37.36 32.82 11.31
CA ASN A 156 -37.63 32.69 9.88
C ASN A 156 -37.06 33.90 9.14
N SER A 157 -37.16 35.07 9.75
CA SER A 157 -36.65 36.29 9.14
C SER A 157 -35.13 36.25 9.01
N VAL A 158 -34.47 35.79 10.06
CA VAL A 158 -33.01 35.70 10.04
C VAL A 158 -32.54 34.69 9.01
N ILE A 159 -33.19 33.53 8.98
CA ILE A 159 -32.83 32.49 8.04
C ILE A 159 -33.02 32.97 6.60
N ALA A 160 -34.09 33.70 6.34
CA ALA A 160 -34.35 34.21 5.00
C ALA A 160 -33.36 35.31 4.61
N LYS A 161 -33.12 36.25 5.52
CA LYS A 161 -32.22 37.36 5.25
C LYS A 161 -30.80 36.91 4.92
N PHE A 162 -30.32 35.87 5.61
CA PHE A 162 -28.97 35.38 5.37
C PHE A 162 -28.94 34.19 4.40
N GLU A 163 -30.11 33.89 3.84
CA GLU A 163 -30.25 32.79 2.89
C GLU A 163 -29.63 31.49 3.42
N LEU A 164 -29.89 31.21 4.69
CA LEU A 164 -29.34 30.00 5.30
C LEU A 164 -30.01 28.77 4.70
N GLN A 165 -29.22 27.73 4.45
CA GLN A 165 -29.74 26.51 3.87
C GLN A 165 -29.93 25.47 4.98
N ILE A 166 -31.12 25.48 5.56
CA ILE A 166 -31.45 24.55 6.64
C ILE A 166 -32.74 23.82 6.26
N PRO A 167 -32.61 22.64 5.65
CA PRO A 167 -33.79 21.87 5.25
C PRO A 167 -34.71 21.57 6.44
N CYS A 168 -36.01 21.59 6.20
CA CYS A 168 -37.01 21.30 7.23
C CYS A 168 -36.82 22.13 8.50
N LYS A 169 -36.52 23.42 8.33
CA LYS A 169 -36.30 24.30 9.49
C LYS A 169 -37.40 24.25 10.54
N ASN A 170 -38.65 24.14 10.11
CA ASN A 170 -39.74 24.10 11.08
C ASN A 170 -39.68 22.89 11.99
N ALA A 171 -39.32 21.73 11.43
CA ALA A 171 -39.22 20.51 12.22
C ALA A 171 -37.99 20.59 13.12
N VAL A 172 -36.92 21.21 12.63
CA VAL A 172 -35.70 21.35 13.42
C VAL A 172 -36.00 22.25 14.62
N ILE A 173 -36.73 23.34 14.38
CA ILE A 173 -37.08 24.26 15.46
C ILE A 173 -37.95 23.56 16.48
N ASP A 174 -38.94 22.78 16.02
CA ASP A 174 -39.82 22.07 16.93
C ASP A 174 -39.04 21.07 17.80
N ALA A 175 -38.09 20.39 17.19
CA ALA A 175 -37.27 19.42 17.91
C ALA A 175 -36.41 20.10 18.96
N THR A 176 -35.94 21.30 18.63
CA THR A 176 -35.07 22.04 19.55
C THR A 176 -35.85 22.53 20.76
N LEU A 177 -37.09 22.94 20.55
CA LEU A 177 -37.92 23.44 21.63
C LEU A 177 -38.55 22.34 22.48
N SER A 178 -38.94 21.23 21.86
CA SER A 178 -39.60 20.16 22.59
C SER A 178 -38.71 19.01 23.03
N GLY A 179 -37.61 18.81 22.33
CA GLY A 179 -36.74 17.69 22.66
C GLY A 179 -37.33 16.43 22.06
N SER A 180 -36.66 15.29 22.25
CA SER A 180 -37.16 14.05 21.70
C SER A 180 -37.29 12.91 22.72
N ARG A 181 -37.44 13.24 23.99
CA ARG A 181 -37.60 12.19 24.98
C ARG A 181 -38.94 11.52 24.80
N GLU A 182 -39.80 12.12 23.98
CA GLU A 182 -41.12 11.55 23.70
C GLU A 182 -41.38 11.37 22.22
N GLU A 183 -40.99 12.35 21.40
CA GLU A 183 -41.26 12.25 19.97
C GLU A 183 -40.13 12.59 19.02
N VAL A 184 -40.25 12.08 17.81
CA VAL A 184 -39.31 12.36 16.73
C VAL A 184 -40.12 13.38 15.91
N HIS A 185 -39.51 14.50 15.58
CA HIS A 185 -40.20 15.55 14.84
C HIS A 185 -40.15 15.39 13.35
N ILE A 186 -41.29 14.99 12.80
CA ILE A 186 -41.43 14.73 11.38
C ILE A 186 -42.13 15.87 10.68
N ILE A 187 -41.70 16.17 9.46
CA ILE A 187 -42.28 17.27 8.70
C ILE A 187 -43.79 17.18 8.69
N ALA A 188 -44.44 18.34 8.85
CA ALA A 188 -45.90 18.42 8.89
C ALA A 188 -46.53 17.84 7.63
N GLU A 189 -47.74 17.32 7.77
CA GLU A 189 -48.47 16.74 6.66
C GLU A 189 -49.68 17.59 6.27
N SER A 196 -48.02 14.57 13.15
CA SER A 196 -47.26 13.85 12.13
C SER A 196 -46.02 13.21 12.75
N ASN A 197 -45.81 13.48 14.03
CA ASN A 197 -44.66 12.95 14.76
C ASN A 197 -44.85 11.49 15.15
N GLY A 198 -43.74 10.85 15.53
CA GLY A 198 -43.78 9.46 15.95
C GLY A 198 -43.24 9.42 17.37
N THR A 199 -43.46 8.31 18.07
CA THR A 199 -42.98 8.17 19.43
C THR A 199 -41.58 7.56 19.42
N THR A 200 -40.72 8.03 20.31
CA THR A 200 -39.35 7.54 20.40
C THR A 200 -39.17 6.53 21.51
N GLU A 201 -40.19 6.35 22.33
CA GLU A 201 -40.11 5.44 23.47
C GLU A 201 -39.61 4.03 23.16
N HIS A 202 -40.29 3.35 22.24
CA HIS A 202 -39.94 1.99 21.88
C HIS A 202 -38.60 1.87 21.16
N PHE A 203 -38.34 2.77 20.22
CA PHE A 203 -37.09 2.74 19.49
C PHE A 203 -35.91 2.85 20.45
N ASN A 204 -36.02 3.78 21.40
CA ASN A 204 -34.97 4.02 22.36
C ASN A 204 -34.60 2.83 23.24
N LYS A 205 -35.62 2.05 23.62
CA LYS A 205 -35.35 0.89 24.47
C LYS A 205 -34.59 -0.21 23.76
N LYS A 206 -34.76 -0.30 22.45
CA LYS A 206 -34.14 -1.34 21.66
C LYS A 206 -32.85 -1.04 20.89
N HIS A 207 -32.53 0.25 20.70
CA HIS A 207 -31.33 0.58 19.92
C HIS A 207 -30.42 1.65 20.48
N ASP A 208 -29.17 1.60 20.04
CA ASP A 208 -28.15 2.60 20.36
C ASP A 208 -28.07 3.37 19.06
N LEU A 209 -28.22 4.69 19.11
CA LEU A 209 -28.10 5.50 17.89
C LEU A 209 -26.69 6.06 17.95
N VAL A 210 -25.92 5.85 16.89
CA VAL A 210 -24.53 6.29 16.87
C VAL A 210 -24.17 7.07 15.62
N PHE A 211 -23.50 8.21 15.80
CA PHE A 211 -23.08 9.00 14.65
C PHE A 211 -21.61 8.68 14.42
N VAL A 212 -21.32 8.16 13.23
CA VAL A 212 -19.97 7.76 12.86
C VAL A 212 -19.42 8.71 11.81
N LYS A 213 -18.18 9.15 12.00
CA LYS A 213 -17.57 10.11 11.09
C LYS A 213 -16.08 9.80 10.92
N THR A 214 -15.57 9.99 9.70
CA THR A 214 -14.15 9.79 9.45
C THR A 214 -13.56 11.17 9.22
N ASP A 215 -12.23 11.27 9.19
CA ASP A 215 -11.60 12.56 8.96
C ASP A 215 -11.79 13.03 7.52
N LEU A 216 -12.41 12.19 6.70
CA LEU A 216 -12.65 12.56 5.30
C LEU A 216 -14.04 13.15 5.10
N HIS A 217 -14.90 13.05 6.10
CA HIS A 217 -16.24 13.62 5.99
C HIS A 217 -16.12 15.12 6.21
N PRO A 218 -16.79 15.91 5.36
CA PRO A 218 -16.74 17.37 5.49
C PRO A 218 -17.42 17.88 6.75
N GLU A 219 -16.89 18.98 7.29
CA GLU A 219 -17.45 19.61 8.48
C GLU A 219 -18.23 20.83 8.02
N ASP A 220 -17.96 21.24 6.79
CA ASP A 220 -18.63 22.37 6.17
C ASP A 220 -19.19 21.90 4.84
N PHE A 221 -20.49 22.06 4.67
CA PHE A 221 -21.15 21.64 3.45
C PHE A 221 -22.56 22.21 3.43
N THR A 222 -23.15 22.25 2.25
CA THR A 222 -24.52 22.73 2.09
C THR A 222 -25.36 21.46 2.14
N PRO A 223 -26.26 21.34 3.13
CA PRO A 223 -27.08 20.14 3.21
C PRO A 223 -27.84 19.83 1.93
N GLN A 224 -27.74 18.59 1.45
CA GLN A 224 -28.46 18.18 0.26
C GLN A 224 -29.39 17.08 0.75
N MET A 225 -30.61 17.48 1.10
CA MET A 225 -31.61 16.57 1.63
C MET A 225 -32.86 16.54 0.77
N PHE A 226 -33.57 15.41 0.84
CA PHE A 226 -34.77 15.23 0.04
C PHE A 226 -35.99 14.81 0.84
N PRO A 227 -36.50 15.70 1.69
CA PRO A 227 -37.67 15.39 2.50
C PRO A 227 -38.89 15.14 1.62
N SER A 228 -39.78 14.27 2.07
CA SER A 228 -40.98 13.99 1.31
C SER A 228 -42.04 13.40 2.22
N GLN A 229 -43.30 13.52 1.82
CA GLN A 229 -44.39 12.98 2.61
C GLN A 229 -44.34 11.46 2.63
N ALA A 230 -43.81 10.85 1.57
CA ALA A 230 -43.71 9.40 1.52
C ALA A 230 -42.71 8.92 2.58
N LYS A 231 -41.56 9.58 2.64
CA LYS A 231 -40.53 9.21 3.61
C LYS A 231 -41.02 9.51 5.03
N ALA A 232 -41.72 10.63 5.20
CA ALA A 232 -42.25 11.01 6.50
C ALA A 232 -43.21 9.93 7.03
N LYS A 233 -44.08 9.44 6.17
CA LYS A 233 -45.02 8.41 6.60
C LYS A 233 -44.30 7.12 6.96
N LEU A 234 -43.31 6.74 6.15
CA LEU A 234 -42.57 5.51 6.43
C LEU A 234 -41.89 5.62 7.78
N LEU A 235 -41.26 6.76 8.03
CA LEU A 235 -40.54 6.99 9.28
C LEU A 235 -41.48 6.95 10.48
N ARG A 236 -42.60 7.65 10.36
CA ARG A 236 -43.60 7.73 11.43
C ARG A 236 -44.11 6.34 11.79
N ASP A 237 -44.49 5.56 10.78
CA ASP A 237 -44.99 4.22 11.02
C ASP A 237 -43.94 3.28 11.60
N ALA A 238 -42.70 3.43 11.15
CA ALA A 238 -41.61 2.59 11.65
C ALA A 238 -41.42 2.83 13.14
N PHE A 239 -41.41 4.09 13.56
CA PHE A 239 -41.24 4.42 14.97
C PHE A 239 -42.39 3.85 15.79
N ASN A 240 -43.59 3.90 15.22
CA ASN A 240 -44.75 3.40 15.93
C ASN A 240 -44.77 1.87 15.94
N ASN A 241 -44.14 1.25 14.96
CA ASN A 241 -44.10 -0.21 14.88
C ASN A 241 -43.06 -0.82 15.81
N GLU A 242 -42.16 -0.01 16.34
CA GLU A 242 -41.12 -0.49 17.25
C GLU A 242 -41.73 -1.07 18.53
N GLU A 243 -42.94 -0.62 18.85
CA GLU A 243 -43.64 -1.06 20.05
C GLU A 243 -43.85 -2.58 20.14
N ASP A 244 -44.21 -3.20 19.01
CA ASP A 244 -44.44 -4.64 18.97
C ASP A 244 -43.13 -5.41 18.91
N GLU A 245 -42.94 -6.34 19.85
CA GLU A 245 -41.75 -7.16 19.91
C GLU A 245 -41.78 -8.27 18.85
N ASP A 246 -42.94 -8.43 18.22
CA ASP A 246 -43.14 -9.44 17.19
C ASP A 246 -42.87 -8.86 15.81
N THR A 247 -43.05 -7.54 15.69
CA THR A 247 -42.83 -6.83 14.43
C THR A 247 -41.51 -7.22 13.79
N PHE A 248 -41.56 -7.57 12.50
CA PHE A 248 -40.35 -7.96 11.79
C PHE A 248 -39.51 -6.77 11.35
N PRO A 249 -38.20 -6.81 11.65
CA PRO A 249 -37.19 -5.79 11.36
C PRO A 249 -37.31 -5.05 10.03
N ASP A 250 -37.69 -5.74 8.97
CA ASP A 250 -37.79 -5.11 7.64
C ASP A 250 -38.70 -3.89 7.60
N ILE A 251 -39.52 -3.70 8.63
CA ILE A 251 -40.42 -2.55 8.68
C ILE A 251 -40.15 -1.66 9.89
N LEU A 252 -39.01 -1.86 10.53
CA LEU A 252 -38.64 -1.06 11.68
C LEU A 252 -37.74 0.08 11.24
N VAL A 253 -37.44 1.01 12.15
CA VAL A 253 -36.62 2.16 11.82
C VAL A 253 -35.26 1.86 11.15
N PRO A 254 -34.47 0.94 11.72
CA PRO A 254 -33.17 0.66 11.10
C PRO A 254 -33.28 0.22 9.63
N ALA A 255 -34.29 -0.61 9.34
CA ALA A 255 -34.50 -1.10 7.99
C ALA A 255 -34.86 0.02 7.04
N TYR A 256 -35.74 0.93 7.48
CA TYR A 256 -36.14 2.04 6.64
C TYR A 256 -35.00 3.04 6.43
N MET A 257 -34.16 3.21 7.44
CA MET A 257 -33.02 4.12 7.30
C MET A 257 -32.12 3.55 6.20
N THR A 258 -31.90 2.24 6.27
CA THR A 258 -31.05 1.57 5.30
C THR A 258 -31.61 1.67 3.88
N ALA A 259 -32.92 1.46 3.74
CA ALA A 259 -33.56 1.54 2.43
C ALA A 259 -33.37 2.95 1.85
N HIS A 260 -33.57 3.95 2.71
CA HIS A 260 -33.41 5.33 2.30
C HIS A 260 -31.97 5.60 1.86
N SER A 261 -31.02 5.05 2.61
CA SER A 261 -29.61 5.24 2.31
C SER A 261 -29.23 4.63 0.97
N LYS A 262 -29.76 3.44 0.69
CA LYS A 262 -29.47 2.78 -0.57
C LYS A 262 -29.96 3.63 -1.73
N ASN A 263 -31.14 4.22 -1.59
CA ASN A 263 -31.68 5.05 -2.65
C ASN A 263 -30.95 6.39 -2.75
N ARG A 264 -30.44 6.88 -1.63
CA ARG A 264 -29.73 8.15 -1.64
C ARG A 264 -28.48 8.06 -2.51
N VAL A 265 -27.78 6.94 -2.42
CA VAL A 265 -26.57 6.76 -3.22
C VAL A 265 -26.93 6.34 -4.64
N ARG A 266 -28.19 5.98 -4.85
CA ARG A 266 -28.67 5.56 -6.18
C ARG A 266 -29.52 6.65 -6.81
N GLN A 267 -29.78 7.72 -6.07
CA GLN A 267 -30.60 8.82 -6.57
C GLN A 267 -30.17 9.31 -7.94
N GLU A 268 -31.11 9.95 -8.63
CA GLU A 268 -30.86 10.46 -9.96
C GLU A 268 -30.78 11.99 -9.94
N ASP A 269 -31.19 12.59 -8.83
CA ASP A 269 -31.13 14.03 -8.69
C ASP A 269 -30.14 14.42 -7.59
N TYR A 270 -29.26 13.48 -7.25
CA TYR A 270 -28.23 13.73 -6.25
C TYR A 270 -26.98 12.93 -6.56
N THR A 271 -25.86 13.63 -6.68
CA THR A 271 -24.59 12.98 -6.92
C THR A 271 -23.94 12.91 -5.54
N CYS A 272 -23.91 11.71 -4.97
CA CYS A 272 -23.35 11.57 -3.63
C CYS A 272 -21.85 11.76 -3.57
N LEU A 273 -21.37 12.08 -2.38
CA LEU A 273 -19.95 12.29 -2.16
C LEU A 273 -19.27 10.92 -2.20
N GLU A 274 -17.98 10.96 -2.51
CA GLU A 274 -17.17 9.76 -2.58
C GLU A 274 -17.20 9.07 -1.22
N VAL A 275 -17.14 9.86 -0.15
CA VAL A 275 -17.16 9.31 1.20
C VAL A 275 -18.51 8.68 1.54
N GLU A 276 -19.58 9.19 0.95
CA GLU A 276 -20.91 8.62 1.19
C GLU A 276 -21.01 7.27 0.51
N PHE A 277 -20.50 7.19 -0.72
CA PHE A 277 -20.53 5.94 -1.46
C PHE A 277 -19.70 4.87 -0.76
N ASP A 278 -18.47 5.22 -0.39
CA ASP A 278 -17.60 4.26 0.29
C ASP A 278 -18.17 3.84 1.64
N SER A 279 -18.81 4.77 2.35
CA SER A 279 -19.41 4.47 3.65
C SER A 279 -20.57 3.50 3.48
N GLN A 280 -21.33 3.70 2.42
CA GLN A 280 -22.48 2.85 2.11
C GLN A 280 -22.03 1.40 1.91
N VAL A 281 -20.98 1.22 1.11
CA VAL A 281 -20.46 -0.10 0.83
C VAL A 281 -20.00 -0.78 2.12
N ALA A 282 -19.27 -0.04 2.95
CA ALA A 282 -18.76 -0.60 4.21
C ALA A 282 -19.89 -1.01 5.15
N LEU A 283 -20.87 -0.14 5.32
CA LEU A 283 -21.97 -0.46 6.22
C LEU A 283 -22.85 -1.60 5.73
N GLU A 284 -22.99 -1.74 4.42
CA GLU A 284 -23.81 -2.85 3.91
C GLU A 284 -23.13 -4.16 4.26
N LYS A 285 -21.80 -4.18 4.15
CA LYS A 285 -21.04 -5.38 4.48
C LYS A 285 -21.12 -5.68 5.97
N LEU A 286 -20.98 -4.65 6.80
CA LEU A 286 -21.04 -4.81 8.24
C LEU A 286 -22.42 -5.28 8.68
N MET A 287 -23.46 -4.71 8.05
CA MET A 287 -24.83 -5.06 8.40
C MET A 287 -25.11 -6.53 8.11
N ASN A 288 -24.54 -7.05 7.04
CA ASN A 288 -24.75 -8.44 6.68
C ASN A 288 -24.00 -9.40 7.60
N GLU A 289 -22.81 -9.01 8.04
CA GLU A 289 -22.01 -9.86 8.90
C GLU A 289 -22.31 -9.79 10.40
N HIS A 290 -22.70 -8.62 10.89
CA HIS A 290 -22.96 -8.46 12.32
C HIS A 290 -24.41 -8.18 12.68
N GLU A 291 -24.98 -9.06 13.50
CA GLU A 291 -26.37 -8.91 13.94
C GLU A 291 -26.55 -7.62 14.74
N GLN A 292 -25.48 -7.17 15.40
CA GLN A 292 -25.54 -5.96 16.20
C GLN A 292 -25.73 -4.68 15.37
N VAL A 293 -25.35 -4.73 14.09
CA VAL A 293 -25.51 -3.57 13.21
C VAL A 293 -26.85 -3.77 12.51
N GLU A 294 -27.86 -3.03 12.98
CA GLU A 294 -29.22 -3.19 12.45
C GLU A 294 -29.61 -2.34 11.25
N GLY A 295 -29.01 -1.17 11.13
CA GLY A 295 -29.35 -0.30 10.01
C GLY A 295 -28.50 0.95 10.04
N PHE A 296 -28.57 1.74 8.98
CA PHE A 296 -27.77 2.94 8.90
C PHE A 296 -28.23 3.80 7.75
N GLU A 297 -27.70 5.02 7.72
CA GLU A 297 -27.95 5.90 6.60
C GLU A 297 -26.77 6.82 6.45
N VAL A 298 -26.22 6.87 5.24
CA VAL A 298 -25.08 7.74 4.99
C VAL A 298 -25.58 9.17 4.76
N GLN A 299 -24.79 10.13 5.24
CA GLN A 299 -25.10 11.54 5.10
C GLN A 299 -23.81 12.25 4.73
N GLN A 300 -23.91 13.53 4.42
CA GLN A 300 -22.72 14.28 4.04
C GLN A 300 -21.73 14.41 5.17
N GLY A 301 -22.22 14.58 6.39
CA GLY A 301 -21.33 14.76 7.53
C GLY A 301 -20.91 13.51 8.26
N GLY A 302 -21.48 12.36 7.90
CA GLY A 302 -21.13 11.12 8.57
C GLY A 302 -22.15 10.04 8.30
N ILE A 303 -22.22 9.06 9.20
CA ILE A 303 -23.13 7.94 9.05
C ILE A 303 -23.93 7.78 10.34
N LEU A 304 -25.26 7.75 10.23
CA LEU A 304 -26.11 7.56 11.39
C LEU A 304 -26.37 6.05 11.42
N VAL A 305 -25.89 5.40 12.48
CA VAL A 305 -26.02 3.95 12.62
C VAL A 305 -26.88 3.50 13.79
N ALA A 306 -27.69 2.48 13.56
CA ALA A 306 -28.54 1.92 14.61
C ALA A 306 -27.93 0.58 15.02
N LEU A 307 -27.56 0.48 16.29
CA LEU A 307 -26.98 -0.76 16.80
C LEU A 307 -27.91 -1.32 17.86
N LYS A 308 -27.75 -2.60 18.16
CA LYS A 308 -28.56 -3.20 19.22
C LYS A 308 -28.19 -2.49 20.51
N LYS A 309 -29.18 -2.28 21.37
CA LYS A 309 -28.93 -1.57 22.63
C LYS A 309 -27.67 -2.02 23.35
N ASP A 310 -26.83 -1.05 23.72
CA ASP A 310 -25.58 -1.25 24.44
C ASP A 310 -24.38 -1.72 23.60
N SER A 311 -24.60 -2.02 22.33
CA SER A 311 -23.52 -2.48 21.46
C SER A 311 -22.45 -1.43 21.25
N PHE A 312 -22.78 -0.16 21.51
CA PHE A 312 -21.81 0.92 21.35
C PHE A 312 -20.62 0.71 22.28
N PHE A 313 -20.85 0.01 23.39
CA PHE A 313 -19.80 -0.23 24.37
C PHE A 313 -19.00 -1.50 24.13
N ASP A 314 -19.21 -2.11 22.97
CA ASP A 314 -18.51 -3.33 22.57
C ASP A 314 -17.28 -2.92 21.75
N ASP A 315 -16.12 -2.89 22.40
CA ASP A 315 -14.87 -2.51 21.73
C ASP A 315 -14.58 -3.31 20.47
N GLU A 316 -14.85 -4.61 20.50
CA GLU A 316 -14.59 -5.46 19.34
C GLU A 316 -15.43 -5.03 18.15
N LEU A 317 -16.71 -4.79 18.37
CA LEU A 317 -17.61 -4.37 17.29
C LEU A 317 -17.18 -3.02 16.74
N ILE A 318 -16.88 -2.08 17.64
CA ILE A 318 -16.46 -0.75 17.23
C ILE A 318 -15.22 -0.83 16.33
N GLU A 319 -14.26 -1.64 16.71
CA GLU A 319 -13.05 -1.75 15.91
C GLU A 319 -13.36 -2.34 14.53
N LYS A 320 -14.24 -3.33 14.50
CA LYS A 320 -14.60 -3.96 13.22
C LYS A 320 -15.29 -2.96 12.30
N ILE A 321 -16.13 -2.11 12.87
CA ILE A 321 -16.81 -1.11 12.06
C ILE A 321 -15.79 -0.14 11.49
N ALA A 322 -14.86 0.31 12.33
CA ALA A 322 -13.83 1.25 11.90
C ALA A 322 -12.96 0.65 10.80
N ILE A 323 -12.58 -0.61 10.97
CA ILE A 323 -11.74 -1.29 9.98
C ILE A 323 -12.45 -1.44 8.63
N ALA A 324 -13.75 -1.73 8.66
CA ALA A 324 -14.52 -1.90 7.43
C ALA A 324 -14.61 -0.57 6.68
N ILE A 325 -14.88 0.50 7.42
CA ILE A 325 -14.96 1.82 6.80
C ILE A 325 -13.61 2.20 6.19
N ALA A 326 -12.54 2.01 6.95
CA ALA A 326 -11.20 2.33 6.48
C ALA A 326 -10.82 1.50 5.25
N THR A 327 -11.22 0.23 5.26
CA THR A 327 -10.92 -0.67 4.15
C THR A 327 -11.60 -0.26 2.84
N GLU A 328 -12.84 0.23 2.93
CA GLU A 328 -13.58 0.64 1.73
C GLU A 328 -13.29 2.06 1.23
N SER A 329 -12.83 2.93 2.12
CA SER A 329 -12.56 4.31 1.72
C SER A 329 -11.41 4.37 0.72
N ARG A 330 -11.66 4.96 -0.45
CA ARG A 330 -10.63 5.02 -1.47
C ARG A 330 -9.42 5.88 -1.10
N GLN A 331 -9.63 6.84 -0.20
CA GLN A 331 -8.53 7.66 0.29
C GLN A 331 -8.24 7.12 1.69
N SER A 332 -7.00 7.25 2.13
CA SER A 332 -6.63 6.76 3.46
C SER A 332 -7.31 7.54 4.58
N VAL A 333 -7.94 6.81 5.49
CA VAL A 333 -8.60 7.42 6.64
C VAL A 333 -7.59 7.44 7.78
N SER A 334 -7.63 8.48 8.62
CA SER A 334 -6.70 8.56 9.73
C SER A 334 -7.41 8.45 11.08
N SER A 335 -8.73 8.58 11.06
CA SER A 335 -9.48 8.46 12.30
C SER A 335 -10.96 8.26 12.03
N VAL A 336 -11.62 7.54 12.95
CA VAL A 336 -13.06 7.30 12.85
C VAL A 336 -13.62 7.54 14.24
N SER A 337 -14.57 8.47 14.34
CA SER A 337 -15.20 8.76 15.62
C SER A 337 -16.60 8.18 15.67
N PHE A 338 -17.01 7.81 16.88
CA PHE A 338 -18.32 7.25 17.14
C PHE A 338 -18.95 7.99 18.30
N ASP A 339 -20.09 8.64 18.07
CA ASP A 339 -20.77 9.38 19.13
C ASP A 339 -22.10 8.70 19.47
N LEU A 340 -22.24 8.28 20.72
CA LEU A 340 -23.48 7.66 21.16
C LEU A 340 -24.47 8.77 21.39
N LEU A 341 -25.60 8.72 20.68
CA LEU A 341 -26.61 9.75 20.82
C LEU A 341 -27.84 9.27 21.58
N LYS A 342 -28.07 9.88 22.73
CA LYS A 342 -29.24 9.56 23.54
C LYS A 342 -30.26 10.66 23.22
N LEU A 343 -31.52 10.41 23.53
CA LEU A 343 -32.58 11.38 23.28
C LEU A 343 -32.41 12.58 24.22
N GLY A 344 -32.43 13.79 23.66
CA GLY A 344 -32.24 14.98 24.46
C GLY A 344 -33.49 15.75 24.81
N PRO A 345 -33.48 16.51 25.92
CA PRO A 345 -34.64 17.29 26.34
C PRO A 345 -34.75 18.58 25.53
N GLY A 346 -35.88 19.26 25.65
CA GLY A 346 -36.08 20.50 24.93
C GLY A 346 -35.26 21.62 25.53
N ALA A 347 -35.07 22.70 24.76
CA ALA A 347 -34.31 23.86 25.21
C ALA A 347 -34.79 24.34 26.56
N SER A 348 -33.85 24.75 27.42
CA SER A 348 -34.24 25.20 28.74
C SER A 348 -33.14 25.97 29.46
N LEU A 349 -33.55 26.72 30.48
CA LEU A 349 -32.62 27.45 31.30
C LEU A 349 -31.98 26.36 32.15
N VAL A 350 -30.69 26.45 32.40
CA VAL A 350 -30.00 25.46 33.22
C VAL A 350 -29.90 25.99 34.64
N THR A 351 -30.33 25.18 35.61
CA THR A 351 -30.28 25.58 37.00
C THR A 351 -29.59 24.47 37.79
N LEU A 352 -29.12 24.81 38.99
CA LEU A 352 -28.44 23.84 39.83
C LEU A 352 -29.38 22.69 40.20
N ALA A 353 -30.66 22.86 39.90
CA ALA A 353 -31.66 21.85 40.21
C ALA A 353 -31.93 20.88 39.06
N ASN A 354 -31.75 21.35 37.83
CA ASN A 354 -32.00 20.50 36.66
C ASN A 354 -30.73 20.17 35.88
N SER A 355 -29.60 20.63 36.39
CA SER A 355 -28.32 20.40 35.74
C SER A 355 -27.97 18.92 35.57
N ARG A 356 -28.56 18.06 36.39
CA ARG A 356 -28.29 16.64 36.31
C ARG A 356 -29.29 15.91 35.44
N ARG A 357 -30.13 16.66 34.74
CA ARG A 357 -31.13 16.08 33.86
C ARG A 357 -30.46 15.75 32.52
N PHE A 358 -29.20 16.14 32.38
CA PHE A 358 -28.45 15.90 31.15
C PHE A 358 -27.61 14.63 31.28
N GLU A 359 -27.79 13.70 30.36
CA GLU A 359 -27.03 12.45 30.37
C GLU A 359 -25.62 12.67 29.85
N PRO A 360 -24.64 11.95 30.42
CA PRO A 360 -23.25 12.10 29.98
C PRO A 360 -23.16 11.81 28.49
N GLU A 361 -22.22 12.46 27.82
CA GLU A 361 -22.01 12.27 26.40
C GLU A 361 -20.88 11.28 26.17
N CYS A 362 -21.19 10.14 25.56
CA CYS A 362 -20.20 9.10 25.31
C CYS A 362 -19.70 9.11 23.88
N ARG A 363 -18.40 8.88 23.75
CA ARG A 363 -17.76 8.90 22.45
C ARG A 363 -16.57 7.94 22.44
N VAL A 364 -16.21 7.47 21.26
CA VAL A 364 -15.04 6.63 21.12
C VAL A 364 -14.42 6.98 19.79
N VAL A 365 -13.12 7.24 19.81
CA VAL A 365 -12.38 7.62 18.62
C VAL A 365 -11.23 6.65 18.37
N LEU A 366 -11.13 6.16 17.14
CA LEU A 366 -10.05 5.25 16.79
C LEU A 366 -9.09 5.93 15.82
N GLN A 367 -7.81 5.88 16.17
CA GLN A 367 -6.78 6.46 15.31
C GLN A 367 -6.39 5.29 14.41
N ILE A 368 -6.30 5.55 13.11
CA ILE A 368 -5.99 4.49 12.16
C ILE A 368 -4.91 4.90 11.17
N GLU A 369 -4.26 3.90 10.60
CA GLU A 369 -3.24 4.12 9.57
C GLU A 369 -3.60 3.18 8.44
N VAL A 370 -3.83 3.73 7.25
CA VAL A 370 -4.15 2.92 6.08
C VAL A 370 -2.99 3.19 5.12
N LYS A 371 -2.11 2.21 4.99
CA LYS A 371 -0.92 2.39 4.16
C LYS A 371 -0.74 1.43 3.00
N PRO A 372 -0.34 1.96 1.84
CA PRO A 372 -0.12 1.12 0.66
C PRO A 372 1.07 0.23 1.01
N VAL A 373 0.99 -1.05 0.64
CA VAL A 373 2.09 -1.96 0.93
C VAL A 373 2.32 -2.93 -0.23
N SER A 374 3.48 -3.58 -0.23
CA SER A 374 3.82 -4.54 -1.28
C SER A 374 3.06 -5.84 -1.04
N GLU B 8 -1.55 -22.37 7.92
CA GLU B 8 -0.46 -21.44 7.61
C GLU B 8 0.83 -22.22 7.34
N ARG B 9 1.93 -21.49 7.19
CA ARG B 9 3.22 -22.11 6.94
C ARG B 9 4.29 -21.52 7.84
N ARG B 10 5.20 -22.38 8.29
CA ARG B 10 6.30 -21.94 9.13
C ARG B 10 7.60 -22.09 8.36
N VAL B 11 8.38 -21.03 8.32
CA VAL B 11 9.66 -21.02 7.61
C VAL B 11 10.78 -21.07 8.65
N LYS B 12 11.62 -22.10 8.56
CA LYS B 12 12.72 -22.27 9.49
C LYS B 12 14.06 -22.35 8.78
N ILE B 13 15.07 -21.66 9.33
CA ILE B 13 16.41 -21.69 8.77
C ILE B 13 17.15 -22.81 9.47
N LEU B 14 17.53 -23.83 8.72
CA LEU B 14 18.23 -24.99 9.29
C LEU B 14 19.73 -24.96 9.06
N GLY B 15 20.22 -23.89 8.46
CA GLY B 15 21.65 -23.80 8.23
C GLY B 15 22.05 -22.58 7.43
N ILE B 16 23.25 -22.07 7.73
CA ILE B 16 23.81 -20.92 7.05
C ILE B 16 25.26 -21.30 6.78
N ASP B 17 25.57 -21.63 5.54
CA ASP B 17 26.91 -22.04 5.20
C ASP B 17 27.58 -21.13 4.20
N ARG B 18 28.56 -20.37 4.70
CA ARG B 18 29.30 -19.45 3.85
C ARG B 18 30.58 -20.12 3.41
N SER B 19 31.05 -19.74 2.22
CA SER B 19 32.28 -20.29 1.71
C SER B 19 32.98 -19.31 0.78
N GLU B 20 34.30 -19.44 0.70
CA GLU B 20 35.12 -18.65 -0.20
C GLU B 20 36.15 -19.64 -0.68
N ASN B 21 36.32 -19.76 -1.99
CA ASN B 21 37.29 -20.70 -2.54
C ASN B 21 38.00 -20.09 -3.73
N SER B 22 39.22 -20.57 -4.00
CA SER B 22 40.01 -20.10 -5.13
C SER B 22 40.30 -21.34 -5.97
N PRO B 23 39.30 -21.80 -6.74
CA PRO B 23 39.41 -22.99 -7.59
C PRO B 23 40.60 -23.08 -8.54
N VAL B 24 41.03 -21.97 -9.10
CA VAL B 24 42.15 -22.01 -10.03
C VAL B 24 43.42 -22.57 -9.38
N LEU B 25 43.64 -22.25 -8.11
CA LEU B 25 44.83 -22.73 -7.42
C LEU B 25 44.86 -24.25 -7.31
N THR B 26 43.68 -24.86 -7.25
CA THR B 26 43.57 -26.31 -7.12
C THR B 26 44.05 -27.09 -8.35
N TYR B 27 43.74 -26.58 -9.54
CA TYR B 27 44.08 -27.26 -10.77
C TYR B 27 45.44 -26.96 -11.37
N MET B 28 46.19 -26.03 -10.77
CA MET B 28 47.50 -25.70 -11.31
C MET B 28 48.62 -26.15 -10.37
N SER B 39 51.66 -29.90 -20.20
CA SER B 39 50.22 -29.63 -20.20
C SER B 39 49.95 -28.14 -20.05
N LYS B 40 48.81 -27.70 -20.58
CA LYS B 40 48.42 -26.30 -20.52
C LYS B 40 47.06 -26.17 -19.84
N LEU B 41 46.88 -25.09 -19.10
CA LEU B 41 45.62 -24.82 -18.40
C LEU B 41 45.11 -23.46 -18.86
N ALA B 42 43.84 -23.39 -19.25
CA ALA B 42 43.25 -22.13 -19.70
C ALA B 42 41.91 -21.90 -19.00
N ALA B 43 41.51 -20.63 -18.93
CA ALA B 43 40.26 -20.27 -18.29
C ALA B 43 39.44 -19.35 -19.18
N ALA B 44 38.12 -19.46 -19.05
CA ALA B 44 37.21 -18.60 -19.80
C ALA B 44 36.10 -18.28 -18.80
N PRO B 45 35.80 -17.00 -18.62
CA PRO B 45 34.76 -16.63 -17.65
C PRO B 45 33.32 -16.94 -18.04
N HIS B 46 32.51 -17.19 -17.01
CA HIS B 46 31.09 -17.40 -17.20
C HIS B 46 30.50 -16.00 -17.22
N THR B 47 29.26 -15.88 -17.64
CA THR B 47 28.61 -14.58 -17.70
C THR B 47 27.21 -14.61 -17.11
N VAL B 48 26.70 -13.41 -16.83
CA VAL B 48 25.32 -13.25 -16.38
C VAL B 48 24.82 -12.12 -17.27
N HIS B 49 23.50 -12.01 -17.44
CA HIS B 49 22.97 -10.97 -18.29
C HIS B 49 22.01 -10.06 -17.55
N MET B 50 21.87 -8.83 -18.06
CA MET B 50 20.99 -7.83 -17.50
C MET B 50 20.11 -7.28 -18.61
N MET B 51 18.83 -7.09 -18.29
CA MET B 51 17.85 -6.55 -19.23
C MET B 51 17.86 -7.27 -20.58
N ASP B 52 18.25 -8.54 -20.55
CA ASP B 52 18.33 -9.40 -21.73
C ASP B 52 19.15 -8.81 -22.86
N SER B 53 19.93 -7.77 -22.58
CA SER B 53 20.69 -7.12 -23.65
C SER B 53 22.14 -6.80 -23.34
N GLY B 54 22.58 -7.10 -22.13
CA GLY B 54 23.96 -6.82 -21.76
C GLY B 54 24.53 -8.00 -21.00
N PHE B 55 25.82 -8.26 -21.20
CA PHE B 55 26.46 -9.38 -20.55
C PHE B 55 27.71 -9.01 -19.78
N LEU B 56 27.83 -9.56 -18.59
CA LEU B 56 28.96 -9.31 -17.71
C LEU B 56 29.73 -10.60 -17.46
N ALA B 57 31.04 -10.56 -17.71
CA ALA B 57 31.90 -11.70 -17.43
C ALA B 57 32.13 -11.59 -15.92
N ILE B 58 31.97 -12.70 -15.20
CA ILE B 58 32.12 -12.70 -13.75
C ILE B 58 33.26 -13.59 -13.24
N ASN B 59 33.46 -13.56 -11.93
CA ASN B 59 34.53 -14.34 -11.31
C ASN B 59 34.19 -15.80 -11.03
N ARG B 60 33.72 -16.47 -12.08
CA ARG B 60 33.42 -17.89 -12.07
C ARG B 60 33.91 -18.24 -13.46
N GLN B 61 34.57 -19.38 -13.62
CA GLN B 61 35.09 -19.70 -14.94
C GLN B 61 35.26 -21.18 -15.22
N CYS B 62 35.19 -21.51 -16.50
CA CYS B 62 35.40 -22.87 -16.95
C CYS B 62 36.90 -22.99 -17.16
N LEU B 63 37.47 -24.10 -16.70
CA LEU B 63 38.90 -24.33 -16.85
C LEU B 63 39.09 -25.54 -17.73
N VAL B 64 40.09 -25.48 -18.60
CA VAL B 64 40.38 -26.60 -19.47
C VAL B 64 41.87 -26.92 -19.37
N LYS B 65 42.17 -28.19 -19.10
CA LYS B 65 43.55 -28.64 -19.00
C LYS B 65 43.76 -29.59 -20.17
N GLY B 66 44.80 -29.35 -20.95
CA GLY B 66 45.08 -30.20 -22.09
C GLY B 66 46.51 -30.70 -22.07
N LYS B 67 46.68 -31.98 -22.37
CA LYS B 67 48.00 -32.59 -22.39
C LYS B 67 48.12 -33.45 -23.64
N ALA B 68 49.20 -33.26 -24.39
CA ALA B 68 49.44 -34.04 -25.60
C ALA B 68 49.91 -35.43 -25.19
N ILE B 69 49.18 -36.46 -25.62
CA ILE B 69 49.53 -37.83 -25.28
C ILE B 69 50.21 -38.55 -26.45
N LEU B 70 50.09 -37.99 -27.64
CA LEU B 70 50.72 -38.55 -28.84
C LEU B 70 51.08 -37.43 -29.81
N ALA B 71 52.34 -37.39 -30.20
CA ALA B 71 52.81 -36.37 -31.13
C ALA B 71 52.59 -36.80 -32.57
N ARG B 72 51.33 -37.05 -32.92
CA ARG B 72 50.98 -37.47 -34.28
C ARG B 72 49.57 -37.02 -34.63
N GLU B 73 49.29 -36.98 -35.93
CA GLU B 73 48.00 -36.56 -36.45
C GLU B 73 46.87 -37.45 -35.90
N PRO B 74 45.81 -36.83 -35.36
CA PRO B 74 44.69 -37.63 -34.83
C PRO B 74 43.99 -38.34 -35.98
N LYS B 75 43.54 -39.56 -35.75
CA LYS B 75 42.85 -40.32 -36.79
C LYS B 75 41.52 -39.62 -37.07
N SER B 76 40.98 -39.00 -36.03
CA SER B 76 39.72 -38.26 -36.10
C SER B 76 39.55 -37.56 -34.76
N SER B 77 38.57 -36.67 -34.65
CA SER B 77 38.36 -35.95 -33.41
C SER B 77 37.92 -36.88 -32.27
N ASN B 78 37.56 -38.12 -32.61
CA ASN B 78 37.13 -39.08 -31.58
C ASN B 78 38.31 -39.69 -30.84
N GLU B 79 39.52 -39.48 -31.35
CA GLU B 79 40.70 -40.07 -30.71
C GLU B 79 41.12 -39.41 -29.40
N HIS B 80 40.85 -38.12 -29.27
CA HIS B 80 41.20 -37.39 -28.06
C HIS B 80 40.46 -37.95 -26.86
N MET B 81 41.13 -37.99 -25.71
CA MET B 81 40.50 -38.48 -24.50
C MET B 81 39.90 -37.28 -23.77
N ILE B 82 38.58 -37.30 -23.63
CA ILE B 82 37.88 -36.23 -22.94
C ILE B 82 37.50 -36.80 -21.58
N ASP B 83 38.23 -36.35 -20.56
CA ASP B 83 38.06 -36.78 -19.18
C ASP B 83 36.65 -36.65 -18.63
N ASP B 84 36.50 -37.04 -17.36
CA ASP B 84 35.23 -37.00 -16.65
C ASP B 84 34.59 -35.63 -16.81
N LEU B 85 33.79 -35.47 -17.87
CA LEU B 85 33.11 -34.21 -18.10
C LEU B 85 32.10 -34.12 -16.97
N PRO B 86 32.16 -33.03 -16.18
CA PRO B 86 31.21 -32.87 -15.08
C PRO B 86 29.80 -33.28 -15.51
N LYS B 87 29.16 -34.13 -14.72
CA LYS B 87 27.83 -34.61 -15.04
C LYS B 87 26.78 -33.50 -15.13
N HIS B 88 25.95 -33.57 -16.17
CA HIS B 88 24.89 -32.59 -16.40
C HIS B 88 23.92 -33.16 -17.42
N ALA B 89 22.75 -32.53 -17.54
CA ALA B 89 21.74 -32.99 -18.48
C ALA B 89 22.29 -33.07 -19.90
N HIS B 90 21.95 -34.16 -20.60
CA HIS B 90 22.37 -34.37 -21.98
C HIS B 90 23.87 -34.18 -22.19
N ASP B 91 24.68 -34.66 -21.25
CA ASP B 91 26.12 -34.50 -21.40
C ASP B 91 26.70 -35.22 -22.60
N GLN B 92 25.95 -36.13 -23.21
CA GLN B 92 26.45 -36.84 -24.39
C GLN B 92 26.38 -35.88 -25.57
N HIS B 93 25.39 -34.99 -25.54
CA HIS B 93 25.24 -34.01 -26.62
C HIS B 93 26.42 -33.05 -26.53
N THR B 94 26.82 -32.75 -25.29
CA THR B 94 27.94 -31.85 -25.05
C THR B 94 29.20 -32.43 -25.69
N LEU B 95 29.38 -33.74 -25.54
CA LEU B 95 30.55 -34.40 -26.13
C LEU B 95 30.55 -34.23 -27.64
N SER B 96 29.37 -34.38 -28.26
CA SER B 96 29.25 -34.25 -29.71
C SER B 96 29.69 -32.85 -30.14
N ILE B 97 29.29 -31.85 -29.37
CA ILE B 97 29.65 -30.47 -29.65
C ILE B 97 31.16 -30.30 -29.57
N LEU B 98 31.76 -30.85 -28.52
CA LEU B 98 33.21 -30.76 -28.34
C LEU B 98 33.95 -31.43 -29.48
N ARG B 99 33.49 -32.62 -29.87
CA ARG B 99 34.13 -33.36 -30.97
C ARG B 99 34.09 -32.53 -32.25
N ASP B 100 32.98 -31.87 -32.51
CA ASP B 100 32.85 -31.07 -33.73
C ASP B 100 33.76 -29.85 -33.70
N PHE B 101 33.80 -29.17 -32.55
CA PHE B 101 34.64 -28.01 -32.40
C PHE B 101 36.10 -28.42 -32.58
N ILE B 102 36.49 -29.52 -31.93
CA ILE B 102 37.85 -30.01 -32.03
C ILE B 102 38.22 -30.31 -33.48
N ASP B 103 37.29 -30.91 -34.20
CA ASP B 103 37.51 -31.25 -35.59
C ASP B 103 37.87 -30.01 -36.39
N GLN B 104 37.18 -28.91 -36.12
CA GLN B 104 37.44 -27.68 -36.85
C GLN B 104 38.73 -26.98 -36.47
N LEU B 105 39.29 -27.30 -35.31
CA LEU B 105 40.55 -26.68 -34.88
C LEU B 105 41.74 -27.26 -35.64
N LYS B 106 41.53 -28.40 -36.32
CA LYS B 106 42.58 -29.03 -37.09
C LYS B 106 43.84 -29.28 -36.26
N LEU B 107 43.69 -30.05 -35.19
CA LEU B 107 44.82 -30.37 -34.31
C LEU B 107 45.78 -31.33 -34.96
N HIS B 108 47.05 -31.23 -34.58
CA HIS B 108 48.08 -32.11 -35.16
C HIS B 108 48.72 -33.04 -34.13
N ASN B 109 48.08 -33.15 -32.96
CA ASN B 109 48.53 -34.01 -31.89
C ASN B 109 47.28 -34.62 -31.27
N VAL B 110 47.46 -35.69 -30.52
CA VAL B 110 46.32 -36.34 -29.85
C VAL B 110 46.40 -35.86 -28.41
N TYR B 111 45.27 -35.41 -27.87
CA TYR B 111 45.25 -34.89 -26.51
C TYR B 111 44.35 -35.60 -25.50
N GLU B 112 44.65 -35.32 -24.23
CA GLU B 112 43.86 -35.79 -23.11
C GLU B 112 43.35 -34.43 -22.64
N ILE B 113 42.03 -34.27 -22.55
CA ILE B 113 41.44 -33.01 -22.17
C ILE B 113 40.53 -33.13 -20.95
N ASN B 114 40.68 -32.20 -20.02
CA ASN B 114 39.87 -32.19 -18.81
C ASN B 114 39.15 -30.86 -18.67
N PHE B 115 37.86 -30.92 -18.36
CA PHE B 115 37.08 -29.70 -18.16
C PHE B 115 36.71 -29.57 -16.69
N TYR B 116 36.79 -28.35 -16.18
CA TYR B 116 36.43 -28.08 -14.78
C TYR B 116 35.46 -26.90 -14.72
N ASP B 117 34.46 -26.99 -13.84
CA ASP B 117 33.48 -25.94 -13.64
C ASP B 117 32.82 -25.36 -14.91
N PRO B 118 32.23 -26.23 -15.76
CA PRO B 118 31.59 -25.75 -16.99
C PRO B 118 30.14 -25.29 -16.82
N LEU B 119 29.62 -25.39 -15.61
CA LEU B 119 28.24 -24.98 -15.35
C LEU B 119 28.17 -23.52 -14.90
N ASP B 120 27.20 -22.78 -15.44
CA ASP B 120 27.04 -21.37 -15.09
C ASP B 120 26.30 -21.19 -13.76
N SER B 121 25.99 -19.94 -13.45
CA SER B 121 25.31 -19.59 -12.20
C SER B 121 23.97 -20.31 -12.02
N SER B 122 23.30 -20.60 -13.13
CA SER B 122 22.02 -21.29 -13.07
C SER B 122 22.22 -22.80 -12.98
N GLY B 123 23.47 -23.23 -13.14
CA GLY B 123 23.77 -24.66 -13.09
C GLY B 123 23.61 -25.28 -14.46
N LYS B 124 23.53 -24.43 -15.47
CA LYS B 124 23.36 -24.87 -16.85
C LYS B 124 24.71 -24.90 -17.55
N LEU B 125 24.91 -25.88 -18.41
CA LEU B 125 26.16 -26.00 -19.14
C LEU B 125 26.32 -24.80 -20.05
N ALA B 126 27.46 -24.12 -19.96
CA ALA B 126 27.73 -22.95 -20.79
C ALA B 126 28.73 -23.34 -21.88
N VAL B 127 28.22 -23.62 -23.06
CA VAL B 127 29.04 -24.03 -24.19
C VAL B 127 30.10 -23.03 -24.62
N ILE B 128 29.75 -21.75 -24.69
CA ILE B 128 30.72 -20.75 -25.15
C ILE B 128 32.03 -20.71 -24.34
N PRO B 129 31.96 -20.57 -23.01
CA PRO B 129 33.23 -20.54 -22.27
C PRO B 129 33.99 -21.87 -22.35
N MET B 130 33.27 -22.98 -22.52
CA MET B 130 33.94 -24.27 -22.63
C MET B 130 34.78 -24.29 -23.90
N LEU B 131 34.18 -23.87 -25.02
CA LEU B 131 34.89 -23.86 -26.28
C LEU B 131 36.01 -22.84 -26.32
N ILE B 132 35.77 -21.67 -25.74
CA ILE B 132 36.81 -20.65 -25.76
C ILE B 132 37.98 -21.06 -24.86
N ALA B 133 37.70 -21.67 -23.70
CA ALA B 133 38.78 -22.09 -22.84
C ALA B 133 39.60 -23.17 -23.57
N LEU B 134 38.92 -24.06 -24.26
CA LEU B 134 39.59 -25.13 -24.99
C LEU B 134 40.48 -24.52 -26.08
N TRP B 135 39.94 -23.54 -26.79
CA TRP B 135 40.68 -22.86 -27.84
C TRP B 135 41.96 -22.23 -27.29
N LYS B 136 41.85 -21.57 -26.13
CA LYS B 136 43.00 -20.92 -25.52
C LYS B 136 44.04 -21.95 -25.12
N CYS B 137 43.57 -23.11 -24.66
CA CYS B 137 44.45 -24.19 -24.25
C CYS B 137 45.26 -24.69 -25.45
N MET B 138 44.56 -24.92 -26.55
CA MET B 138 45.21 -25.42 -27.77
C MET B 138 46.13 -24.38 -28.40
N LEU B 139 45.73 -23.11 -28.32
CA LEU B 139 46.53 -22.02 -28.88
C LEU B 139 47.94 -22.02 -28.28
N ALA B 140 48.04 -22.37 -27.00
CA ALA B 140 49.32 -22.38 -26.32
C ALA B 140 50.02 -23.74 -26.40
N SER B 141 49.30 -24.74 -26.90
CA SER B 141 49.83 -26.11 -26.98
C SER B 141 50.53 -26.43 -28.30
N GLU B 142 49.97 -25.95 -29.40
CA GLU B 142 50.58 -26.20 -30.70
C GLU B 142 50.43 -25.02 -31.66
N THR B 143 51.23 -25.05 -32.71
CA THR B 143 51.20 -23.98 -33.70
C THR B 143 50.11 -24.21 -34.72
N ASP B 144 49.76 -23.15 -35.44
CA ASP B 144 48.75 -23.19 -36.49
C ASP B 144 47.31 -23.24 -35.99
N ILE B 145 47.06 -22.67 -34.82
CA ILE B 145 45.70 -22.62 -34.27
C ILE B 145 45.10 -21.30 -34.74
N CYS B 146 43.82 -21.34 -35.10
CA CYS B 146 43.12 -20.16 -35.60
C CYS B 146 43.12 -18.94 -34.68
N ASP B 147 42.99 -17.76 -35.28
CA ASP B 147 42.96 -16.52 -34.53
C ASP B 147 41.54 -16.27 -34.03
N GLN B 148 41.34 -15.15 -33.33
CA GLN B 148 40.03 -14.80 -32.78
C GLN B 148 38.91 -14.71 -33.81
N GLU B 149 39.18 -14.11 -34.96
CA GLU B 149 38.15 -13.98 -35.98
C GLU B 149 37.71 -15.32 -36.56
N VAL B 150 38.66 -16.22 -36.77
CA VAL B 150 38.32 -17.54 -37.29
C VAL B 150 37.56 -18.31 -36.20
N LEU B 151 37.97 -18.10 -34.96
CA LEU B 151 37.31 -18.77 -33.83
C LEU B 151 35.81 -18.44 -33.81
N LYS B 152 35.48 -17.17 -34.00
CA LYS B 152 34.08 -16.78 -33.99
C LYS B 152 33.31 -17.45 -35.11
N SER B 153 33.95 -17.61 -36.26
CA SER B 153 33.32 -18.26 -37.40
C SER B 153 33.04 -19.72 -37.09
N ILE B 154 34.01 -20.38 -36.46
CA ILE B 154 33.85 -21.79 -36.09
C ILE B 154 32.76 -21.94 -35.03
N MET B 155 32.76 -21.06 -34.05
CA MET B 155 31.75 -21.13 -33.00
C MET B 155 30.34 -20.93 -33.55
N ASN B 156 30.21 -20.02 -34.51
CA ASN B 156 28.89 -19.78 -35.11
C ASN B 156 28.45 -21.02 -35.87
N SER B 157 29.41 -21.70 -36.49
CA SER B 157 29.12 -22.92 -37.25
C SER B 157 28.64 -24.03 -36.32
N VAL B 158 29.28 -24.17 -35.17
CA VAL B 158 28.92 -25.20 -34.22
C VAL B 158 27.55 -24.91 -33.61
N ILE B 159 27.32 -23.64 -33.27
CA ILE B 159 26.05 -23.25 -32.68
C ILE B 159 24.90 -23.52 -33.65
N ALA B 160 25.12 -23.19 -34.93
CA ALA B 160 24.11 -23.41 -35.96
C ALA B 160 23.87 -24.90 -36.21
N LYS B 161 24.95 -25.65 -36.32
CA LYS B 161 24.87 -27.09 -36.57
C LYS B 161 24.08 -27.84 -35.50
N PHE B 162 24.32 -27.49 -34.24
CA PHE B 162 23.65 -28.14 -33.13
C PHE B 162 22.39 -27.41 -32.66
N GLU B 163 22.00 -26.38 -33.41
CA GLU B 163 20.81 -25.59 -33.09
C GLU B 163 20.78 -25.16 -31.63
N LEU B 164 21.93 -24.72 -31.12
CA LEU B 164 22.01 -24.27 -29.74
C LEU B 164 21.26 -22.96 -29.58
N GLN B 165 20.53 -22.82 -28.49
CA GLN B 165 19.76 -21.61 -28.22
C GLN B 165 20.49 -20.72 -27.24
N ILE B 166 21.30 -19.81 -27.77
CA ILE B 166 22.08 -18.89 -26.94
C ILE B 166 21.81 -17.47 -27.41
N PRO B 167 20.87 -16.78 -26.76
CA PRO B 167 20.56 -15.40 -27.17
C PRO B 167 21.78 -14.49 -27.11
N CYS B 168 21.86 -13.57 -28.06
CA CYS B 168 22.94 -12.59 -28.12
C CYS B 168 24.31 -13.25 -28.06
N LYS B 169 24.49 -14.35 -28.78
CA LYS B 169 25.75 -15.07 -28.76
C LYS B 169 26.97 -14.19 -29.07
N ASN B 170 26.80 -13.19 -29.93
CA ASN B 170 27.94 -12.33 -30.24
C ASN B 170 28.44 -11.56 -29.01
N ALA B 171 27.49 -11.05 -28.21
CA ALA B 171 27.86 -10.31 -27.01
C ALA B 171 28.45 -11.25 -25.96
N VAL B 172 27.91 -12.47 -25.89
CA VAL B 172 28.43 -13.44 -24.92
C VAL B 172 29.87 -13.78 -25.26
N ILE B 173 30.15 -14.01 -26.55
CA ILE B 173 31.50 -14.31 -26.99
C ILE B 173 32.44 -13.15 -26.69
N ASP B 174 32.02 -11.92 -26.98
CA ASP B 174 32.87 -10.77 -26.71
C ASP B 174 33.15 -10.62 -25.21
N ALA B 175 32.14 -10.89 -24.38
CA ALA B 175 32.31 -10.79 -22.94
C ALA B 175 33.30 -11.86 -22.46
N THR B 176 33.25 -13.03 -23.09
CA THR B 176 34.12 -14.12 -22.71
C THR B 176 35.58 -13.82 -23.07
N LEU B 177 35.79 -13.19 -24.21
CA LEU B 177 37.14 -12.87 -24.65
C LEU B 177 37.75 -11.65 -23.96
N SER B 178 36.92 -10.64 -23.69
CA SER B 178 37.41 -9.41 -23.08
C SER B 178 37.26 -9.29 -21.57
N GLY B 179 36.30 -10.00 -21.01
CA GLY B 179 36.08 -9.90 -19.58
C GLY B 179 35.29 -8.62 -19.31
N SER B 180 34.96 -8.36 -18.06
CA SER B 180 34.21 -7.16 -17.72
C SER B 180 34.84 -6.29 -16.66
N ARG B 181 36.16 -6.34 -16.53
CA ARG B 181 36.81 -5.51 -15.53
C ARG B 181 36.81 -4.07 -16.01
N GLU B 182 36.37 -3.86 -17.24
CA GLU B 182 36.28 -2.53 -17.81
C GLU B 182 34.91 -2.26 -18.42
N GLU B 183 34.36 -3.21 -19.17
CA GLU B 183 33.07 -2.99 -19.81
C GLU B 183 32.01 -4.08 -19.68
N VAL B 184 30.76 -3.66 -19.85
CA VAL B 184 29.63 -4.58 -19.86
C VAL B 184 29.35 -4.69 -21.35
N HIS B 185 29.18 -5.90 -21.84
CA HIS B 185 28.98 -6.12 -23.26
C HIS B 185 27.53 -6.10 -23.69
N ILE B 186 27.19 -4.99 -24.35
CA ILE B 186 25.83 -4.75 -24.80
C ILE B 186 25.68 -4.99 -26.29
N ILE B 187 24.56 -5.59 -26.67
CA ILE B 187 24.31 -5.88 -28.07
C ILE B 187 24.55 -4.67 -28.96
N ALA B 188 25.29 -4.91 -30.06
CA ALA B 188 25.63 -3.87 -31.03
C ALA B 188 24.44 -2.97 -31.36
N GLU B 189 24.72 -1.76 -31.83
CA GLU B 189 23.68 -0.80 -32.18
C GLU B 189 23.77 -0.47 -33.65
N ASN B 195 31.29 2.53 -28.33
CA ASN B 195 30.31 1.75 -29.05
C ASN B 195 29.01 1.60 -28.26
N SER B 196 28.52 0.37 -28.21
CA SER B 196 27.29 0.05 -27.50
C SER B 196 27.55 -0.35 -26.06
N ASN B 197 28.80 -0.65 -25.74
CA ASN B 197 29.14 -1.06 -24.38
C ASN B 197 29.15 0.06 -23.35
N GLY B 198 29.03 -0.33 -22.09
CA GLY B 198 29.04 0.62 -21.00
C GLY B 198 30.22 0.29 -20.09
N THR B 199 30.58 1.22 -19.22
CA THR B 199 31.69 1.02 -18.29
C THR B 199 31.19 0.41 -16.99
N THR B 200 31.97 -0.49 -16.41
CA THR B 200 31.58 -1.17 -15.18
C THR B 200 32.24 -0.65 -13.91
N GLU B 201 33.26 0.19 -14.05
CA GLU B 201 33.98 0.70 -12.90
C GLU B 201 33.13 1.26 -11.77
N HIS B 202 32.28 2.24 -12.08
CA HIS B 202 31.47 2.88 -11.06
C HIS B 202 30.37 1.99 -10.47
N PHE B 203 29.75 1.17 -11.31
CA PHE B 203 28.73 0.27 -10.80
C PHE B 203 29.38 -0.64 -9.76
N ASN B 204 30.54 -1.17 -10.10
CA ASN B 204 31.25 -2.08 -9.21
C ASN B 204 31.64 -1.46 -7.87
N LYS B 205 32.01 -0.18 -7.87
CA LYS B 205 32.39 0.47 -6.63
C LYS B 205 31.22 0.60 -5.67
N LYS B 206 30.01 0.73 -6.21
CA LYS B 206 28.83 0.94 -5.40
C LYS B 206 27.90 -0.24 -5.09
N HIS B 207 28.03 -1.32 -5.84
CA HIS B 207 27.12 -2.44 -5.61
C HIS B 207 27.72 -3.83 -5.57
N ASP B 208 27.03 -4.72 -4.87
CA ASP B 208 27.38 -6.14 -4.79
C ASP B 208 26.38 -6.76 -5.78
N LEU B 209 26.87 -7.55 -6.72
CA LEU B 209 25.99 -8.21 -7.67
C LEU B 209 25.90 -9.64 -7.15
N VAL B 210 24.67 -10.11 -6.91
CA VAL B 210 24.47 -11.44 -6.34
C VAL B 210 23.48 -12.28 -7.12
N PHE B 211 23.85 -13.52 -7.42
CA PHE B 211 22.93 -14.42 -8.12
C PHE B 211 22.27 -15.28 -7.05
N VAL B 212 20.96 -15.18 -6.95
CA VAL B 212 20.18 -15.91 -5.97
C VAL B 212 19.37 -17.01 -6.64
N LYS B 213 19.40 -18.21 -6.08
CA LYS B 213 18.69 -19.34 -6.67
C LYS B 213 18.09 -20.27 -5.61
N THR B 214 16.88 -20.78 -5.87
CA THR B 214 16.29 -21.72 -4.93
C THR B 214 16.36 -23.09 -5.57
N ASP B 215 16.08 -24.13 -4.79
CA ASP B 215 16.11 -25.49 -5.34
C ASP B 215 14.96 -25.72 -6.32
N LEU B 216 14.07 -24.74 -6.45
CA LEU B 216 12.93 -24.84 -7.37
C LEU B 216 13.24 -24.21 -8.73
N HIS B 217 14.34 -23.47 -8.83
CA HIS B 217 14.72 -22.85 -10.09
C HIS B 217 15.33 -23.93 -10.98
N PRO B 218 14.92 -24.00 -12.25
CA PRO B 218 15.48 -25.03 -13.13
C PRO B 218 16.94 -24.80 -13.48
N GLU B 219 17.65 -25.90 -13.69
CA GLU B 219 19.06 -25.88 -14.05
C GLU B 219 19.15 -26.24 -15.53
N ASP B 220 18.03 -26.70 -16.08
CA ASP B 220 17.93 -27.07 -17.47
C ASP B 220 16.74 -26.32 -18.05
N PHE B 221 17.00 -25.47 -19.03
CA PHE B 221 15.93 -24.70 -19.66
C PHE B 221 16.41 -24.03 -20.93
N THR B 222 15.46 -23.69 -21.80
CA THR B 222 15.78 -23.00 -23.04
C THR B 222 15.61 -21.52 -22.68
N PRO B 223 16.69 -20.73 -22.78
CA PRO B 223 16.59 -19.31 -22.44
C PRO B 223 15.52 -18.58 -23.24
N GLN B 224 14.64 -17.87 -22.54
CA GLN B 224 13.60 -17.08 -23.17
C GLN B 224 13.95 -15.65 -22.83
N MET B 225 14.67 -15.00 -23.74
CA MET B 225 15.12 -13.63 -23.55
C MET B 225 14.59 -12.71 -24.63
N PHE B 226 14.48 -11.42 -24.29
CA PHE B 226 13.94 -10.45 -25.22
C PHE B 226 14.82 -9.22 -25.37
N PRO B 227 15.99 -9.40 -25.99
CA PRO B 227 16.93 -8.30 -26.19
C PRO B 227 16.30 -7.27 -27.13
N SER B 228 16.67 -6.01 -26.96
CA SER B 228 16.15 -4.96 -27.83
C SER B 228 17.06 -3.76 -27.79
N GLN B 229 17.01 -2.93 -28.83
CA GLN B 229 17.84 -1.75 -28.87
C GLN B 229 17.41 -0.77 -27.77
N ALA B 230 16.11 -0.77 -27.46
CA ALA B 230 15.60 0.12 -26.42
C ALA B 230 16.21 -0.25 -25.06
N LYS B 231 16.22 -1.54 -24.75
CA LYS B 231 16.78 -1.99 -23.48
C LYS B 231 18.30 -1.82 -23.48
N ALA B 232 18.92 -2.01 -24.64
CA ALA B 232 20.37 -1.85 -24.75
C ALA B 232 20.77 -0.43 -24.40
N LYS B 233 20.04 0.55 -24.93
CA LYS B 233 20.35 1.95 -24.66
C LYS B 233 20.12 2.29 -23.19
N LEU B 234 19.04 1.78 -22.61
CA LEU B 234 18.75 2.04 -21.20
C LEU B 234 19.88 1.51 -20.32
N LEU B 235 20.30 0.27 -20.60
CA LEU B 235 21.35 -0.36 -19.80
C LEU B 235 22.68 0.39 -19.94
N ARG B 236 23.03 0.77 -21.17
CA ARG B 236 24.27 1.50 -21.40
C ARG B 236 24.28 2.82 -20.64
N ASP B 237 23.19 3.57 -20.74
CA ASP B 237 23.11 4.86 -20.06
C ASP B 237 23.12 4.70 -18.54
N ALA B 238 22.47 3.66 -18.03
CA ALA B 238 22.45 3.43 -16.60
C ALA B 238 23.86 3.18 -16.07
N PHE B 239 24.63 2.33 -16.76
CA PHE B 239 25.99 2.05 -16.33
C PHE B 239 26.85 3.32 -16.38
N ASN B 240 26.67 4.10 -17.43
CA ASN B 240 27.45 5.33 -17.57
C ASN B 240 27.04 6.38 -16.53
N ASN B 241 25.79 6.32 -16.08
CA ASN B 241 25.33 7.27 -15.08
C ASN B 241 25.74 6.94 -13.65
N GLU B 242 26.25 5.73 -13.44
CA GLU B 242 26.70 5.33 -12.10
C GLU B 242 27.88 6.19 -11.67
N GLU B 243 28.53 6.82 -12.64
CA GLU B 243 29.70 7.66 -12.37
C GLU B 243 29.35 8.97 -11.68
N ASP B 244 28.18 9.51 -11.98
CA ASP B 244 27.73 10.76 -11.39
C ASP B 244 27.07 10.48 -10.05
N GLU B 245 27.72 10.87 -8.96
CA GLU B 245 27.19 10.65 -7.61
C GLU B 245 25.86 11.34 -7.39
N ASP B 246 25.56 12.33 -8.23
CA ASP B 246 24.32 13.11 -8.13
C ASP B 246 23.14 12.47 -8.84
N THR B 247 23.40 11.44 -9.65
CA THR B 247 22.33 10.77 -10.39
C THR B 247 21.21 10.24 -9.49
N PHE B 248 19.98 10.44 -9.93
CA PHE B 248 18.82 9.95 -9.19
C PHE B 248 18.87 8.44 -9.27
N PRO B 249 18.67 7.74 -8.15
CA PRO B 249 18.71 6.27 -8.14
C PRO B 249 17.76 5.60 -9.12
N ASP B 250 16.64 6.24 -9.43
CA ASP B 250 15.68 5.61 -10.35
C ASP B 250 16.12 5.45 -11.79
N ILE B 251 17.32 5.94 -12.13
CA ILE B 251 17.83 5.75 -13.48
C ILE B 251 19.20 5.07 -13.47
N LEU B 252 19.53 4.44 -12.35
CA LEU B 252 20.79 3.71 -12.23
C LEU B 252 20.52 2.26 -12.58
N VAL B 253 21.57 1.45 -12.68
CA VAL B 253 21.42 0.05 -13.06
C VAL B 253 20.40 -0.77 -12.26
N PRO B 254 20.45 -0.72 -10.91
CA PRO B 254 19.47 -1.50 -10.14
C PRO B 254 18.03 -1.18 -10.49
N ALA B 255 17.73 0.11 -10.66
CA ALA B 255 16.38 0.54 -10.99
C ALA B 255 15.95 0.03 -12.36
N TYR B 256 16.84 0.06 -13.33
CA TYR B 256 16.47 -0.41 -14.67
C TYR B 256 16.31 -1.93 -14.69
N MET B 257 17.10 -2.63 -13.88
CA MET B 257 16.98 -4.08 -13.80
C MET B 257 15.57 -4.38 -13.30
N THR B 258 15.16 -3.67 -12.25
CA THR B 258 13.84 -3.87 -11.65
C THR B 258 12.72 -3.53 -12.63
N ALA B 259 12.87 -2.44 -13.37
CA ALA B 259 11.84 -2.05 -14.33
C ALA B 259 11.71 -3.14 -15.40
N HIS B 260 12.85 -3.67 -15.83
CA HIS B 260 12.86 -4.74 -16.82
C HIS B 260 12.19 -5.99 -16.24
N SER B 261 12.46 -6.27 -14.97
CA SER B 261 11.90 -7.45 -14.32
C SER B 261 10.38 -7.35 -14.22
N LYS B 262 9.88 -6.18 -13.86
CA LYS B 262 8.45 -5.98 -13.74
C LYS B 262 7.77 -6.21 -15.09
N ASN B 263 8.42 -5.75 -16.16
CA ASN B 263 7.85 -5.93 -17.49
C ASN B 263 7.93 -7.38 -17.94
N ARG B 264 9.00 -8.07 -17.56
CA ARG B 264 9.15 -9.47 -17.96
C ARG B 264 7.99 -10.33 -17.46
N VAL B 265 7.55 -10.11 -16.22
CA VAL B 265 6.45 -10.90 -15.67
C VAL B 265 5.07 -10.44 -16.15
N ARG B 266 5.03 -9.31 -16.85
CA ARG B 266 3.77 -8.77 -17.38
C ARG B 266 3.79 -8.80 -18.90
N GLN B 267 4.82 -9.42 -19.46
CA GLN B 267 5.00 -9.52 -20.90
C GLN B 267 3.85 -10.26 -21.60
N GLU B 268 3.47 -9.77 -22.77
CA GLU B 268 2.40 -10.39 -23.54
C GLU B 268 2.90 -11.60 -24.30
N ASP B 269 4.16 -11.56 -24.73
CA ASP B 269 4.73 -12.66 -25.48
C ASP B 269 5.63 -13.59 -24.65
N TYR B 270 5.40 -13.61 -23.34
CA TYR B 270 6.15 -14.48 -22.45
C TYR B 270 5.31 -14.88 -21.25
N THR B 271 5.24 -16.18 -21.00
CA THR B 271 4.51 -16.71 -19.85
C THR B 271 5.62 -17.11 -18.89
N CYS B 272 5.80 -16.32 -17.84
CA CYS B 272 6.86 -16.60 -16.89
C CYS B 272 6.63 -17.84 -16.04
N LEU B 273 7.71 -18.35 -15.47
CA LEU B 273 7.64 -19.52 -14.62
C LEU B 273 7.03 -19.12 -13.29
N GLU B 274 6.42 -20.09 -12.63
CA GLU B 274 5.81 -19.87 -11.33
C GLU B 274 6.88 -19.34 -10.37
N VAL B 275 8.09 -19.88 -10.48
CA VAL B 275 9.19 -19.47 -9.62
C VAL B 275 9.63 -18.04 -9.93
N GLU B 276 9.49 -17.61 -11.18
CA GLU B 276 9.85 -16.25 -11.56
C GLU B 276 8.82 -15.30 -10.94
N PHE B 277 7.55 -15.66 -11.06
CA PHE B 277 6.49 -14.83 -10.51
C PHE B 277 6.64 -14.69 -9.00
N ASP B 278 6.82 -15.81 -8.31
CA ASP B 278 6.95 -15.77 -6.86
C ASP B 278 8.21 -15.02 -6.43
N SER B 279 9.30 -15.15 -7.19
CA SER B 279 10.53 -14.45 -6.87
C SER B 279 10.32 -12.95 -7.01
N GLN B 280 9.56 -12.55 -8.03
CA GLN B 280 9.28 -11.15 -8.28
C GLN B 280 8.53 -10.52 -7.09
N VAL B 281 7.52 -11.20 -6.60
CA VAL B 281 6.74 -10.69 -5.48
C VAL B 281 7.63 -10.55 -4.24
N ALA B 282 8.43 -11.57 -3.97
CA ALA B 282 9.31 -11.53 -2.81
C ALA B 282 10.33 -10.40 -2.89
N LEU B 283 10.97 -10.26 -4.05
CA LEU B 283 11.98 -9.21 -4.20
C LEU B 283 11.39 -7.80 -4.19
N GLU B 284 10.18 -7.64 -4.71
CA GLU B 284 9.56 -6.33 -4.70
C GLU B 284 9.33 -5.89 -3.25
N LYS B 285 8.91 -6.84 -2.41
CA LYS B 285 8.67 -6.55 -0.99
C LYS B 285 10.00 -6.19 -0.31
N LEU B 286 11.01 -7.03 -0.52
CA LEU B 286 12.32 -6.81 0.08
C LEU B 286 12.91 -5.47 -0.30
N MET B 287 12.80 -5.13 -1.58
CA MET B 287 13.35 -3.88 -2.11
C MET B 287 12.70 -2.66 -1.47
N ASN B 288 11.40 -2.75 -1.20
CA ASN B 288 10.70 -1.63 -0.60
C ASN B 288 10.95 -1.54 0.91
N GLU B 289 11.30 -2.65 1.53
CA GLU B 289 11.54 -2.68 2.97
C GLU B 289 13.00 -2.51 3.38
N HIS B 290 13.93 -2.91 2.51
CA HIS B 290 15.35 -2.84 2.84
C HIS B 290 16.14 -1.92 1.91
N GLU B 291 16.76 -0.91 2.49
CA GLU B 291 17.56 0.05 1.73
C GLU B 291 18.75 -0.65 1.05
N GLN B 292 19.21 -1.75 1.63
CA GLN B 292 20.34 -2.49 1.07
C GLN B 292 20.01 -3.24 -0.21
N VAL B 293 18.74 -3.57 -0.41
CA VAL B 293 18.31 -4.27 -1.62
C VAL B 293 17.92 -3.17 -2.60
N GLU B 294 18.78 -2.91 -3.56
CA GLU B 294 18.57 -1.82 -4.51
C GLU B 294 17.79 -2.10 -5.78
N GLY B 295 17.89 -3.32 -6.28
CA GLY B 295 17.19 -3.67 -7.49
C GLY B 295 17.42 -5.12 -7.80
N PHE B 296 16.72 -5.66 -8.79
CA PHE B 296 16.85 -7.06 -9.12
C PHE B 296 16.15 -7.37 -10.41
N GLU B 297 16.40 -8.56 -10.93
CA GLU B 297 15.67 -9.01 -12.11
C GLU B 297 15.54 -10.52 -12.05
N VAL B 298 14.32 -11.00 -12.20
CA VAL B 298 14.09 -12.44 -12.17
C VAL B 298 14.40 -13.03 -13.53
N GLN B 299 14.95 -14.24 -13.50
CA GLN B 299 15.32 -14.95 -14.71
C GLN B 299 14.87 -16.39 -14.51
N GLN B 300 14.99 -17.19 -15.56
CA GLN B 300 14.58 -18.58 -15.44
C GLN B 300 15.44 -19.38 -14.47
N GLY B 301 16.72 -19.07 -14.42
CA GLY B 301 17.61 -19.82 -13.56
C GLY B 301 17.84 -19.26 -12.17
N GLY B 302 17.28 -18.09 -11.90
CA GLY B 302 17.47 -17.49 -10.60
C GLY B 302 17.12 -16.02 -10.60
N ILE B 303 17.69 -15.29 -9.65
CA ILE B 303 17.43 -13.86 -9.53
C ILE B 303 18.74 -13.11 -9.43
N LEU B 304 18.94 -12.12 -10.29
CA LEU B 304 20.15 -11.32 -10.26
C LEU B 304 19.79 -10.12 -9.38
N VAL B 305 20.50 -9.97 -8.27
CA VAL B 305 20.19 -8.91 -7.31
C VAL B 305 21.34 -7.94 -7.10
N ALA B 306 21.01 -6.65 -7.01
CA ALA B 306 22.01 -5.63 -6.76
C ALA B 306 21.83 -5.15 -5.33
N LEU B 307 22.86 -5.32 -4.51
CA LEU B 307 22.83 -4.88 -3.11
C LEU B 307 23.85 -3.78 -2.93
N LYS B 308 23.71 -3.01 -1.85
CA LYS B 308 24.68 -1.97 -1.58
C LYS B 308 26.00 -2.70 -1.37
N LYS B 309 27.11 -2.06 -1.72
CA LYS B 309 28.42 -2.68 -1.58
C LYS B 309 28.66 -3.30 -0.21
N ASP B 310 29.12 -4.54 -0.22
CA ASP B 310 29.44 -5.34 0.98
C ASP B 310 28.25 -5.93 1.74
N SER B 311 27.02 -5.63 1.31
CA SER B 311 25.84 -6.16 1.99
C SER B 311 25.71 -7.67 1.87
N PHE B 312 26.41 -8.25 0.91
CA PHE B 312 26.39 -9.70 0.72
C PHE B 312 26.91 -10.41 1.98
N PHE B 313 27.78 -9.72 2.71
CA PHE B 313 28.39 -10.28 3.91
C PHE B 313 27.61 -10.01 5.18
N ASP B 314 26.38 -9.50 5.04
CA ASP B 314 25.51 -9.20 6.17
C ASP B 314 24.57 -10.41 6.37
N ASP B 315 24.90 -11.27 7.32
CA ASP B 315 24.10 -12.46 7.58
C ASP B 315 22.62 -12.19 7.84
N GLU B 316 22.32 -11.10 8.55
CA GLU B 316 20.94 -10.76 8.86
C GLU B 316 20.15 -10.49 7.59
N LEU B 317 20.75 -9.73 6.67
CA LEU B 317 20.09 -9.39 5.41
C LEU B 317 19.89 -10.63 4.56
N ILE B 318 20.93 -11.44 4.44
CA ILE B 318 20.84 -12.66 3.64
C ILE B 318 19.71 -13.53 4.14
N GLU B 319 19.62 -13.68 5.46
CA GLU B 319 18.56 -14.51 6.02
C GLU B 319 17.18 -13.91 5.71
N LYS B 320 17.06 -12.59 5.79
CA LYS B 320 15.79 -11.94 5.50
C LYS B 320 15.37 -12.15 4.04
N ILE B 321 16.34 -12.09 3.12
CA ILE B 321 16.04 -12.29 1.71
C ILE B 321 15.56 -13.73 1.50
N ALA B 322 16.26 -14.69 2.11
CA ALA B 322 15.90 -16.09 1.97
C ALA B 322 14.51 -16.37 2.53
N ILE B 323 14.21 -15.77 3.68
CA ILE B 323 12.90 -15.96 4.30
C ILE B 323 11.78 -15.40 3.43
N ALA B 324 12.01 -14.21 2.86
CA ALA B 324 11.01 -13.59 2.01
C ALA B 324 10.73 -14.46 0.79
N ILE B 325 11.78 -14.97 0.18
CA ILE B 325 11.64 -15.82 -1.00
C ILE B 325 10.90 -17.12 -0.65
N ALA B 326 11.25 -17.72 0.48
CA ALA B 326 10.59 -18.95 0.91
C ALA B 326 9.13 -18.69 1.26
N THR B 327 8.86 -17.54 1.87
CA THR B 327 7.50 -17.21 2.26
C THR B 327 6.56 -17.03 1.06
N GLU B 328 7.07 -16.45 -0.01
CA GLU B 328 6.26 -16.20 -1.20
C GLU B 328 6.17 -17.37 -2.19
N SER B 329 7.14 -18.27 -2.16
CA SER B 329 7.12 -19.40 -3.09
C SER B 329 5.94 -20.32 -2.76
N ARG B 330 5.10 -20.61 -3.76
CA ARG B 330 3.94 -21.45 -3.51
C ARG B 330 4.27 -22.90 -3.19
N GLN B 331 5.44 -23.36 -3.64
CA GLN B 331 5.89 -24.71 -3.30
C GLN B 331 6.95 -24.50 -2.23
N SER B 332 7.08 -25.46 -1.32
CA SER B 332 8.08 -25.36 -0.26
C SER B 332 9.50 -25.38 -0.80
N VAL B 333 10.29 -24.40 -0.38
CA VAL B 333 11.69 -24.30 -0.77
C VAL B 333 12.52 -25.04 0.28
N SER B 334 13.62 -25.64 -0.14
CA SER B 334 14.47 -26.35 0.82
C SER B 334 15.85 -25.70 0.93
N SER B 335 16.20 -24.88 -0.06
CA SER B 335 17.49 -24.19 -0.02
C SER B 335 17.50 -22.95 -0.89
N VAL B 336 18.30 -21.97 -0.49
CA VAL B 336 18.45 -20.72 -1.24
C VAL B 336 19.94 -20.42 -1.25
N SER B 337 20.50 -20.32 -2.44
CA SER B 337 21.93 -20.03 -2.58
C SER B 337 22.15 -18.61 -3.05
N PHE B 338 23.24 -18.02 -2.59
CA PHE B 338 23.60 -16.65 -2.94
C PHE B 338 25.06 -16.64 -3.40
N ASP B 339 25.28 -16.24 -4.65
CA ASP B 339 26.64 -16.18 -5.17
C ASP B 339 27.05 -14.75 -5.44
N LEU B 340 28.11 -14.30 -4.77
CA LEU B 340 28.60 -12.95 -4.99
C LEU B 340 29.39 -12.98 -6.29
N LEU B 341 29.00 -12.12 -7.23
CA LEU B 341 29.65 -12.07 -8.53
C LEU B 341 30.51 -10.82 -8.70
N LYS B 342 31.81 -11.03 -8.86
CA LYS B 342 32.73 -9.93 -9.07
C LYS B 342 33.02 -9.91 -10.57
N LEU B 343 33.56 -8.79 -11.07
CA LEU B 343 33.87 -8.66 -12.49
C LEU B 343 35.04 -9.58 -12.83
N GLY B 344 34.87 -10.38 -13.88
CA GLY B 344 35.91 -11.31 -14.27
C GLY B 344 36.75 -10.90 -15.46
N PRO B 345 37.99 -11.41 -15.53
CA PRO B 345 38.91 -11.09 -16.64
C PRO B 345 38.58 -11.92 -17.87
N GLY B 346 39.13 -11.50 -19.00
CA GLY B 346 38.91 -12.21 -20.24
C GLY B 346 39.60 -13.56 -20.27
N ALA B 347 39.15 -14.43 -21.16
CA ALA B 347 39.72 -15.77 -21.31
C ALA B 347 41.23 -15.67 -21.44
N SER B 348 41.94 -16.59 -20.80
CA SER B 348 43.38 -16.55 -20.85
C SER B 348 44.03 -17.84 -20.40
N LEU B 349 45.28 -18.02 -20.80
CA LEU B 349 46.06 -19.17 -20.40
C LEU B 349 46.38 -18.89 -18.93
N VAL B 350 46.38 -19.92 -18.10
CA VAL B 350 46.68 -19.73 -16.69
C VAL B 350 48.10 -20.18 -16.39
N THR B 351 48.86 -19.32 -15.72
CA THR B 351 50.23 -19.63 -15.36
C THR B 351 50.43 -19.33 -13.88
N LEU B 352 51.56 -19.73 -13.34
CA LEU B 352 51.86 -19.48 -11.94
C LEU B 352 51.92 -17.98 -11.75
N ALA B 353 52.43 -17.29 -12.77
CA ALA B 353 52.57 -15.85 -12.75
C ALA B 353 51.27 -15.06 -12.71
N ASN B 354 50.23 -15.56 -13.35
CA ASN B 354 48.95 -14.86 -13.39
C ASN B 354 47.81 -15.54 -12.63
N SER B 355 48.12 -16.65 -11.96
CA SER B 355 47.10 -17.40 -11.23
C SER B 355 46.37 -16.61 -10.15
N ARG B 356 46.98 -15.53 -9.66
CA ARG B 356 46.34 -14.74 -8.61
C ARG B 356 45.53 -13.57 -9.16
N ARG B 357 45.32 -13.54 -10.47
CA ARG B 357 44.52 -12.48 -11.06
C ARG B 357 43.06 -12.83 -10.82
N PHE B 358 42.83 -14.02 -10.30
CA PHE B 358 41.48 -14.50 -10.02
C PHE B 358 41.08 -14.22 -8.57
N GLU B 359 39.92 -13.58 -8.40
CA GLU B 359 39.40 -13.26 -7.09
C GLU B 359 38.66 -14.47 -6.53
N PRO B 360 38.78 -14.72 -5.22
CA PRO B 360 38.09 -15.87 -4.62
C PRO B 360 36.59 -15.77 -4.89
N GLU B 361 35.93 -16.92 -5.02
CA GLU B 361 34.49 -16.92 -5.26
C GLU B 361 33.77 -17.14 -3.95
N CYS B 362 32.92 -16.17 -3.59
CA CYS B 362 32.16 -16.20 -2.34
C CYS B 362 30.71 -16.62 -2.55
N ARG B 363 30.23 -17.44 -1.63
CA ARG B 363 28.87 -17.97 -1.71
C ARG B 363 28.33 -18.22 -0.32
N VAL B 364 27.01 -18.18 -0.19
CA VAL B 364 26.36 -18.50 1.06
C VAL B 364 25.10 -19.25 0.71
N VAL B 365 24.88 -20.37 1.37
CA VAL B 365 23.72 -21.19 1.12
C VAL B 365 22.94 -21.40 2.42
N LEU B 366 21.64 -21.18 2.36
CA LEU B 366 20.80 -21.39 3.53
C LEU B 366 19.92 -22.60 3.31
N GLN B 367 19.89 -23.47 4.31
CA GLN B 367 19.04 -24.65 4.27
C GLN B 367 17.74 -24.19 4.92
N ILE B 368 16.62 -24.50 4.29
CA ILE B 368 15.34 -24.05 4.81
C ILE B 368 14.29 -25.15 4.88
N GLU B 369 13.34 -24.98 5.78
CA GLU B 369 12.22 -25.90 5.93
C GLU B 369 10.98 -25.03 5.89
N VAL B 370 10.09 -25.31 4.95
CA VAL B 370 8.83 -24.56 4.84
C VAL B 370 7.77 -25.62 5.07
N LYS B 371 7.20 -25.60 6.27
CA LYS B 371 6.21 -26.61 6.63
C LYS B 371 4.82 -26.11 6.98
N PRO B 372 3.80 -26.81 6.45
CA PRO B 372 2.41 -26.44 6.72
C PRO B 372 2.19 -26.74 8.20
N VAL B 373 1.59 -25.81 8.93
CA VAL B 373 1.35 -26.04 10.35
C VAL B 373 -0.07 -25.72 10.76
N SER B 374 -0.45 -26.23 11.93
CA SER B 374 -1.78 -26.02 12.48
C SER B 374 -2.02 -24.53 12.76
#